data_8ILI
#
_entry.id   8ILI
#
_cell.length_a   60.420
_cell.length_b   87.344
_cell.length_c   87.480
_cell.angle_alpha   90.00
_cell.angle_beta   91.16
_cell.angle_gamma   90.00
#
_symmetry.space_group_name_H-M   'P 1 21 1'
#
loop_
_entity.id
_entity.type
_entity.pdbx_description
1 polymer "DNA (5'-D(*CP*GP*GP*AP*TP*CP*CP*(7S8))-3')"
2 polymer 'Repair DNA polymerase X'
3 non-polymer 'MAGNESIUM ION'
4 non-polymer 'SULFATE ION'
5 water water
#
loop_
_entity_poly.entity_id
_entity_poly.type
_entity_poly.pdbx_seq_one_letter_code
_entity_poly.pdbx_strand_id
1 'polydeoxyribonucleotide' (DC)(DG)(DG)(DA)(DT)(DC)(DC)(GMS) E,F,G,H
2 'polypeptide(L)'
;GGGMLTLIQGKKIVNHLRSRLAFEYNGQLIKILSKNIVAVGSLRREEKMLNDVDLLIIVPEKKLLKHVLPNIRIKGLSFS
VKVCGERKCVLFIEWEKKTYQLDLFTALAEEKPYAIFHFTGPVSYLIRIRAALKKKNYKLNQYGLFKNQTLVPLKITTEK
ELIKELGFTYRIPKKRL
;
A,B,C,D
#
# COMPACT_ATOMS: atom_id res chain seq x y z
N GLY E 1 6.41 -10.46 18.27
CA GLY E 1 5.75 -9.62 17.24
C GLY E 1 4.32 -9.29 17.59
N GLY E 2 3.92 -8.16 17.05
CA GLY E 2 2.54 -7.64 17.19
C GLY E 2 1.60 -8.21 16.16
N GLY E 3 0.33 -8.37 16.55
CA GLY E 3 -0.71 -8.82 15.63
C GLY E 3 -1.27 -7.68 14.81
N MET E 4 -2.01 -8.01 13.76
CA MET E 4 -2.65 -6.98 12.93
C MET E 4 -3.95 -6.51 13.58
N LEU E 5 -4.32 -5.26 13.32
CA LEU E 5 -5.51 -4.61 13.88
C LEU E 5 -6.41 -4.12 12.78
N THR E 6 -7.70 -4.03 13.09
CA THR E 6 -8.65 -3.30 12.26
C THR E 6 -8.47 -1.81 12.50
N LEU E 7 -9.00 -0.99 11.60
CA LEU E 7 -8.94 0.46 11.72
C LEU E 7 -9.62 0.92 13.02
N ILE E 8 -10.83 0.42 13.26
CA ILE E 8 -11.58 0.71 14.50
C ILE E 8 -10.79 0.37 15.75
N GLN E 9 -10.17 -0.81 15.75
CA GLN E 9 -9.32 -1.22 16.90
C GLN E 9 -8.19 -0.21 17.16
N GLY E 10 -7.53 0.21 16.10
CA GLY E 10 -6.50 1.24 16.17
C GLY E 10 -7.01 2.55 16.73
N LYS E 11 -8.15 3.01 16.21
CA LYS E 11 -8.78 4.23 16.70
C LYS E 11 -9.15 4.17 18.19
N LYS E 12 -9.66 3.02 18.62
CA LYS E 12 -9.99 2.81 20.04
C LYS E 12 -8.73 2.88 20.91
N ILE E 13 -7.66 2.24 20.45
CA ILE E 13 -6.38 2.27 21.17
C ILE E 13 -5.86 3.71 21.30
N VAL E 14 -5.93 4.48 20.22
CA VAL E 14 -5.47 5.89 20.23
C VAL E 14 -6.31 6.75 21.17
N ASN E 15 -7.63 6.59 21.09
CA ASN E 15 -8.56 7.27 21.99
C ASN E 15 -8.19 7.03 23.44
N HIS E 16 -7.95 5.76 23.78
CA HIS E 16 -7.54 5.34 25.13
C HIS E 16 -6.21 6.00 25.56
N LEU E 17 -5.23 5.96 24.66
CA LEU E 17 -3.90 6.49 24.93
C LEU E 17 -3.84 8.02 25.11
N ARG E 18 -4.76 8.75 24.46
CA ARG E 18 -4.73 10.22 24.46
C ARG E 18 -4.71 10.88 25.83
N SER E 19 -5.37 10.28 26.81
CA SER E 19 -5.42 10.81 28.17
C SER E 19 -4.42 10.14 29.12
N ARG E 20 -3.66 9.15 28.63
CA ARG E 20 -2.86 8.29 29.51
C ARG E 20 -1.36 8.30 29.25
N LEU E 21 -0.88 9.13 28.32
CA LEU E 21 0.56 9.22 28.02
C LEU E 21 1.23 10.26 28.91
N ALA E 22 2.39 9.91 29.43
CA ALA E 22 3.21 10.79 30.24
C ALA E 22 4.67 10.39 30.10
N PHE E 23 5.56 11.16 30.71
CA PHE E 23 6.97 10.77 30.83
C PHE E 23 7.56 11.24 32.15
N GLU E 24 8.60 10.53 32.58
CA GLU E 24 9.29 10.85 33.82
C GLU E 24 10.50 11.73 33.51
N TYR E 25 10.54 12.91 34.13
CA TYR E 25 11.58 13.92 33.93
C TYR E 25 12.29 14.16 35.25
N ASN E 26 13.44 13.51 35.44
CA ASN E 26 14.21 13.57 36.68
C ASN E 26 13.35 13.32 37.91
N GLY E 27 12.59 12.23 37.88
CA GLY E 27 11.72 11.82 38.99
C GLY E 27 10.33 12.46 39.07
N GLN E 28 9.99 13.32 38.12
CA GLN E 28 8.69 14.03 38.07
C GLN E 28 7.87 13.53 36.89
N LEU E 29 6.64 13.07 37.15
CA LEU E 29 5.76 12.61 36.09
C LEU E 29 5.10 13.79 35.40
N ILE E 30 5.40 13.96 34.10
CA ILE E 30 4.86 15.05 33.29
C ILE E 30 3.90 14.45 32.26
N LYS E 31 2.64 14.84 32.36
CA LYS E 31 1.61 14.37 31.43
C LYS E 31 1.81 14.96 30.04
N ILE E 32 1.61 14.13 29.01
CA ILE E 32 1.64 14.58 27.63
C ILE E 32 0.21 15.00 27.30
N LEU E 33 0.05 16.15 26.67
CA LEU E 33 -1.28 16.68 26.36
C LEU E 33 -1.82 16.08 25.08
N SER E 34 -3.14 15.85 25.03
CA SER E 34 -3.80 15.28 23.86
C SER E 34 -3.54 16.08 22.58
N LYS E 35 -3.53 17.41 22.68
CA LYS E 35 -3.22 18.30 21.55
C LYS E 35 -1.81 18.07 20.95
N ASN E 36 -0.91 17.51 21.75
CA ASN E 36 0.44 17.16 21.32
C ASN E 36 0.61 15.68 20.93
N ILE E 37 -0.50 14.96 20.71
CA ILE E 37 -0.48 13.58 20.24
C ILE E 37 -1.22 13.53 18.92
N VAL E 38 -0.51 13.15 17.85
CA VAL E 38 -1.07 13.10 16.50
C VAL E 38 -1.02 11.66 15.98
N ALA E 39 -2.18 11.15 15.55
CA ALA E 39 -2.25 9.87 14.89
C ALA E 39 -1.62 9.99 13.51
N VAL E 40 -0.67 9.11 13.19
CA VAL E 40 0.03 9.14 11.90
C VAL E 40 0.01 7.73 11.29
N GLY E 41 0.85 7.49 10.28
CA GLY E 41 0.97 6.16 9.69
C GLY E 41 -0.29 5.71 8.97
N SER E 42 -0.41 4.41 8.81
CA SER E 42 -1.55 3.82 8.08
C SER E 42 -2.90 4.12 8.75
N LEU E 43 -2.90 4.33 10.07
CA LEU E 43 -4.09 4.76 10.80
C LEU E 43 -4.62 6.11 10.30
N ARG E 44 -3.73 7.09 10.12
CA ARG E 44 -4.14 8.39 9.55
C ARG E 44 -4.57 8.26 8.08
N ARG E 45 -3.96 7.33 7.35
CA ARG E 45 -4.37 7.04 5.97
C ARG E 45 -5.68 6.23 5.85
N GLU E 46 -6.26 5.83 6.99
CA GLU E 46 -7.55 5.16 7.05
C GLU E 46 -7.57 3.80 6.34
N GLU E 47 -6.45 3.08 6.43
CA GLU E 47 -6.37 1.75 5.87
C GLU E 47 -7.19 0.78 6.74
N LYS E 48 -7.77 -0.22 6.10
CA LYS E 48 -8.74 -1.11 6.76
C LYS E 48 -8.09 -2.00 7.81
N MET E 49 -6.90 -2.51 7.51
CA MET E 49 -6.08 -3.24 8.47
C MET E 49 -4.75 -2.53 8.69
N LEU E 50 -4.28 -2.58 9.93
CA LEU E 50 -3.06 -1.90 10.37
C LEU E 50 -2.08 -2.96 10.86
N ASN E 51 -0.81 -2.77 10.53
CA ASN E 51 0.26 -3.58 11.09
C ASN E 51 0.65 -3.12 12.48
N ASP E 52 0.30 -1.88 12.83
CA ASP E 52 0.64 -1.28 14.14
C ASP E 52 -0.05 0.08 14.28
N VAL E 53 0.09 0.69 15.45
CA VAL E 53 -0.46 2.02 15.71
C VAL E 53 0.69 3.00 15.80
N ASP E 54 0.61 4.09 15.03
CA ASP E 54 1.64 5.13 15.00
C ASP E 54 1.16 6.44 15.61
N LEU E 55 1.87 6.91 16.62
CA LEU E 55 1.60 8.20 17.24
C LEU E 55 2.82 9.11 17.14
N LEU E 56 2.58 10.36 16.77
CA LEU E 56 3.59 11.40 16.78
C LEU E 56 3.35 12.30 17.99
N ILE E 57 4.36 12.44 18.83
CA ILE E 57 4.31 13.27 20.03
C ILE E 57 5.07 14.57 19.78
N ILE E 58 4.40 15.71 19.97
CA ILE E 58 5.00 17.02 19.77
C ILE E 58 5.61 17.45 21.10
N VAL E 59 6.93 17.65 21.08
CA VAL E 59 7.69 17.98 22.27
C VAL E 59 8.01 19.49 22.22
N PRO E 60 7.64 20.25 23.28
CA PRO E 60 7.73 21.72 23.22
C PRO E 60 9.12 22.31 23.39
N GLU E 61 10.07 21.54 23.94
CA GLU E 61 11.42 22.03 24.22
C GLU E 61 12.45 20.99 23.79
N LYS E 62 13.50 21.42 23.10
CA LYS E 62 14.56 20.53 22.63
C LYS E 62 15.23 19.73 23.75
N LYS E 63 15.40 20.36 24.91
CA LYS E 63 16.01 19.72 26.10
C LYS E 63 15.22 18.52 26.62
N LEU E 64 13.91 18.46 26.36
CA LEU E 64 13.07 17.35 26.77
C LEU E 64 13.23 16.07 25.95
N LEU E 65 13.77 16.14 24.74
CA LEU E 65 13.89 14.97 23.86
C LEU E 65 14.63 13.78 24.49
N LYS E 66 15.67 14.06 25.27
CA LYS E 66 16.37 12.98 25.98
C LYS E 66 15.53 12.29 27.05
N HIS E 67 14.41 12.90 27.47
CA HIS E 67 13.58 12.39 28.55
C HIS E 67 12.27 11.73 28.13
N VAL E 68 11.65 12.19 27.03
CA VAL E 68 10.27 11.82 26.73
C VAL E 68 10.13 10.31 26.45
N LEU E 69 10.58 9.88 25.28
CA LEU E 69 10.41 8.48 24.89
C LEU E 69 11.21 7.49 25.77
N PRO E 70 12.47 7.83 26.11
CA PRO E 70 13.21 6.93 27.00
C PRO E 70 12.66 6.78 28.42
N ASN E 71 11.78 7.69 28.86
CA ASN E 71 11.08 7.51 30.14
C ASN E 71 9.56 7.56 29.94
N ILE E 72 9.06 6.99 28.83
CA ILE E 72 7.63 7.00 28.53
C ILE E 72 6.86 6.21 29.60
N ARG E 73 5.65 6.69 29.90
CA ARG E 73 4.73 6.03 30.82
C ARG E 73 3.34 6.01 30.23
N ILE E 74 2.64 4.89 30.40
CA ILE E 74 1.27 4.74 29.93
C ILE E 74 0.45 4.24 31.12
N LYS E 75 -0.55 5.01 31.53
CA LYS E 75 -1.37 4.68 32.70
C LYS E 75 -2.21 3.46 32.40
N GLY E 76 -2.12 2.44 33.26
CA GLY E 76 -3.00 1.29 33.21
C GLY E 76 -2.71 0.22 32.18
N LEU E 77 -1.83 0.49 31.21
CA LEU E 77 -1.63 -0.42 30.08
C LEU E 77 -0.36 -1.23 30.22
N SER E 78 -0.45 -2.53 29.97
CA SER E 78 0.70 -3.41 29.95
C SER E 78 1.49 -3.17 28.65
N PHE E 79 2.77 -2.88 28.80
CA PHE E 79 3.65 -2.79 27.64
C PHE E 79 5.09 -3.14 27.95
N SER E 80 5.85 -3.46 26.89
CA SER E 80 7.29 -3.62 26.98
C SER E 80 7.95 -2.86 25.82
N VAL E 81 9.24 -2.56 25.98
CA VAL E 81 9.98 -1.73 25.04
C VAL E 81 10.86 -2.63 24.17
N LYS E 82 10.68 -2.56 22.85
CA LYS E 82 11.48 -3.34 21.89
C LYS E 82 12.77 -2.58 21.56
N VAL E 83 12.62 -1.38 21.02
CA VAL E 83 13.75 -0.47 20.74
C VAL E 83 13.28 0.92 21.12
N CYS E 84 14.19 1.76 21.61
CA CYS E 84 13.82 3.09 22.05
C CYS E 84 15.00 4.03 22.04
N GLY E 85 14.77 5.23 21.53
CA GLY E 85 15.69 6.36 21.68
C GLY E 85 14.87 7.63 21.75
N GLU E 86 15.48 8.76 21.44
CA GLU E 86 14.83 10.07 21.57
C GLU E 86 13.78 10.33 20.51
N ARG E 87 13.92 9.70 19.35
CA ARG E 87 13.07 9.97 18.19
C ARG E 87 12.12 8.82 17.81
N LYS E 88 12.47 7.59 18.15
CA LYS E 88 11.63 6.42 17.88
C LYS E 88 11.63 5.48 19.06
N CYS E 89 10.45 5.03 19.46
CA CYS E 89 10.29 4.08 20.53
C CYS E 89 9.19 3.11 20.11
N VAL E 90 9.56 1.84 19.92
CA VAL E 90 8.62 0.80 19.51
C VAL E 90 8.23 0.00 20.75
N LEU E 91 6.93 -0.02 21.05
CA LEU E 91 6.40 -0.76 22.19
C LEU E 91 5.54 -1.91 21.72
N PHE E 92 5.49 -2.98 22.51
CA PHE E 92 4.48 -4.01 22.37
C PHE E 92 3.51 -3.78 23.52
N ILE E 93 2.23 -3.60 23.19
CA ILE E 93 1.20 -3.33 24.19
C ILE E 93 0.22 -4.50 24.25
N GLU E 94 -0.37 -4.71 25.41
CA GLU E 94 -1.45 -5.69 25.57
C GLU E 94 -2.78 -4.95 25.47
N TRP E 95 -3.63 -5.37 24.54
CA TRP E 95 -4.96 -4.78 24.38
C TRP E 95 -6.01 -5.88 24.24
N GLU E 96 -6.80 -6.07 25.29
CA GLU E 96 -7.85 -7.10 25.33
C GLU E 96 -7.27 -8.48 24.99
N LYS E 97 -6.26 -8.87 25.77
CA LYS E 97 -5.63 -10.19 25.70
C LYS E 97 -4.83 -10.49 24.41
N LYS E 98 -4.56 -9.46 23.61
CA LYS E 98 -3.77 -9.59 22.37
C LYS E 98 -2.60 -8.60 22.41
N THR E 99 -1.50 -8.94 21.74
CA THR E 99 -0.30 -8.10 21.67
C THR E 99 -0.28 -7.33 20.36
N TYR E 100 -0.11 -6.00 20.46
CA TYR E 100 0.00 -5.13 19.28
C TYR E 100 1.23 -4.25 19.41
N GLN E 101 1.75 -3.79 18.27
CA GLN E 101 2.89 -2.90 18.22
C GLN E 101 2.40 -1.44 18.20
N LEU E 102 2.99 -0.63 19.09
CA LEU E 102 2.74 0.80 19.17
C LEU E 102 4.06 1.51 18.88
N ASP E 103 4.07 2.32 17.83
CA ASP E 103 5.25 3.07 17.44
C ASP E 103 5.11 4.55 17.79
N LEU E 104 5.99 5.02 18.69
CA LEU E 104 5.96 6.41 19.13
C LEU E 104 7.11 7.15 18.48
N PHE E 105 6.82 8.34 17.97
CA PHE E 105 7.82 9.21 17.37
C PHE E 105 7.69 10.59 17.99
N THR E 106 8.79 11.34 18.01
CA THR E 106 8.77 12.70 18.52
C THR E 106 9.17 13.73 17.47
N ALA E 107 8.47 14.87 17.51
CA ALA E 107 8.83 16.05 16.73
C ALA E 107 8.84 17.28 17.63
N LEU E 108 9.76 18.19 17.35
CA LEU E 108 9.74 19.52 17.94
C LEU E 108 8.67 20.37 17.25
N ALA E 109 8.21 21.41 17.93
CA ALA E 109 7.13 22.26 17.42
C ALA E 109 7.41 22.80 16.02
N GLU E 110 8.62 23.32 15.81
CA GLU E 110 9.03 23.84 14.49
C GLU E 110 9.12 22.77 13.38
N GLU E 111 9.26 21.50 13.78
CA GLU E 111 9.28 20.37 12.83
C GLU E 111 7.90 19.78 12.53
N LYS E 112 6.87 20.21 13.26
CA LYS E 112 5.56 19.53 13.24
C LYS E 112 4.99 19.23 11.85
N PRO E 113 4.82 20.25 10.98
CA PRO E 113 4.26 19.95 9.65
C PRO E 113 5.09 18.95 8.83
N TYR E 114 6.41 19.05 8.94
CA TYR E 114 7.32 18.16 8.22
C TYR E 114 7.21 16.74 8.76
N ALA E 115 7.14 16.63 10.08
CA ALA E 115 7.00 15.34 10.76
C ALA E 115 5.67 14.67 10.37
N ILE E 116 4.59 15.44 10.42
CA ILE E 116 3.27 14.90 10.06
C ILE E 116 3.28 14.40 8.61
N PHE E 117 3.89 15.17 7.71
CA PHE E 117 4.01 14.80 6.30
C PHE E 117 4.79 13.49 6.11
N HIS E 118 5.95 13.43 6.74
CA HIS E 118 6.79 12.21 6.73
C HIS E 118 6.04 10.99 7.29
N PHE E 119 5.58 11.10 8.53
CA PHE E 119 4.99 9.95 9.23
C PHE E 119 3.63 9.50 8.69
N THR E 120 2.96 10.34 7.90
CA THR E 120 1.72 9.94 7.24
C THR E 120 1.95 8.98 6.08
N GLY E 121 3.03 9.19 5.33
CA GLY E 121 3.33 8.33 4.18
C GLY E 121 2.25 8.42 3.12
N PRO E 122 2.02 7.35 2.34
CA PRO E 122 2.81 6.11 2.35
C PRO E 122 4.21 6.31 1.78
N VAL E 123 5.05 5.28 1.91
CA VAL E 123 6.47 5.37 1.53
C VAL E 123 6.62 5.73 0.04
N SER E 124 5.88 5.03 -0.81
CA SER E 124 5.94 5.26 -2.27
C SER E 124 5.72 6.73 -2.64
N TYR E 125 4.74 7.35 -1.97
CA TYR E 125 4.43 8.76 -2.14
C TYR E 125 5.58 9.69 -1.71
N LEU E 126 6.18 9.39 -0.57
CA LEU E 126 7.30 10.17 -0.07
C LEU E 126 8.52 10.06 -0.99
N ILE E 127 8.80 8.85 -1.48
CA ILE E 127 9.93 8.63 -2.39
C ILE E 127 9.78 9.49 -3.65
N ARG E 128 8.57 9.51 -4.21
CA ARG E 128 8.26 10.29 -5.41
C ARG E 128 8.46 11.80 -5.18
N ILE E 129 7.85 12.30 -4.11
CA ILE E 129 7.96 13.71 -3.71
C ILE E 129 9.43 14.11 -3.48
N ARG E 130 10.14 13.29 -2.74
CA ARG E 130 11.53 13.56 -2.38
C ARG E 130 12.49 13.49 -3.58
N ALA E 131 12.23 12.55 -4.49
CA ALA E 131 12.98 12.43 -5.74
C ALA E 131 12.85 13.70 -6.56
N ALA E 132 11.62 14.20 -6.70
CA ALA E 132 11.35 15.44 -7.44
C ALA E 132 12.08 16.62 -6.82
N LEU E 133 12.01 16.76 -5.50
CA LEU E 133 12.71 17.84 -4.81
C LEU E 133 14.23 17.70 -4.93
N LYS E 134 14.73 16.47 -4.88
CA LYS E 134 16.16 16.18 -5.02
C LYS E 134 16.74 16.66 -6.36
N LYS E 135 15.94 16.55 -7.42
CA LYS E 135 16.33 17.06 -8.75
C LYS E 135 16.60 18.57 -8.76
N LYS E 136 15.90 19.29 -7.89
CA LYS E 136 16.08 20.74 -7.71
C LYS E 136 17.08 21.11 -6.58
N ASN E 137 17.95 20.18 -6.20
CA ASN E 137 18.95 20.38 -5.13
C ASN E 137 18.38 20.64 -3.73
N TYR E 138 17.18 20.09 -3.47
CA TYR E 138 16.60 20.14 -2.12
C TYR E 138 16.72 18.78 -1.44
N LYS E 139 16.60 18.79 -0.12
CA LYS E 139 16.47 17.55 0.65
C LYS E 139 15.34 17.73 1.64
N LEU E 140 14.26 16.95 1.50
CA LEU E 140 13.13 16.96 2.42
C LEU E 140 13.20 15.76 3.36
N ASN E 141 13.04 16.03 4.65
CA ASN E 141 12.94 14.97 5.66
C ASN E 141 11.85 15.32 6.69
N GLN E 142 11.77 14.54 7.76
CA GLN E 142 10.83 14.78 8.86
C GLN E 142 11.09 16.02 9.72
N TYR E 143 12.27 16.63 9.55
CA TYR E 143 12.71 17.78 10.33
C TYR E 143 12.61 19.12 9.60
N GLY E 144 12.63 19.11 8.27
CA GLY E 144 12.57 20.36 7.50
C GLY E 144 12.83 20.17 6.03
N LEU E 145 12.84 21.29 5.31
CA LEU E 145 13.32 21.32 3.92
C LEU E 145 14.70 21.96 3.95
N PHE E 146 15.64 21.34 3.24
CA PHE E 146 17.03 21.76 3.24
C PHE E 146 17.54 21.97 1.82
N LYS E 147 18.46 22.94 1.67
CA LYS E 147 19.22 23.09 0.44
C LYS E 147 20.66 23.42 0.87
N ASN E 148 21.62 22.71 0.28
CA ASN E 148 23.04 22.83 0.66
C ASN E 148 23.26 22.65 2.17
N GLN E 149 22.60 21.63 2.70
CA GLN E 149 22.65 21.28 4.12
C GLN E 149 22.18 22.39 5.08
N THR E 150 21.38 23.33 4.57
CA THR E 150 20.91 24.50 5.31
C THR E 150 19.39 24.56 5.28
N LEU E 151 18.80 24.81 6.43
CA LEU E 151 17.35 24.84 6.57
C LEU E 151 16.75 25.98 5.72
N VAL E 152 15.78 25.62 4.88
CA VAL E 152 15.06 26.60 4.07
C VAL E 152 13.89 27.09 4.93
N PRO E 153 13.97 28.33 5.43
CA PRO E 153 12.92 28.77 6.37
C PRO E 153 11.62 29.08 5.63
N LEU E 154 10.71 28.11 5.61
CA LEU E 154 9.40 28.27 4.98
C LEU E 154 8.44 28.94 5.96
N LYS E 155 7.57 29.79 5.43
CA LYS E 155 6.59 30.52 6.25
C LYS E 155 5.28 29.75 6.29
N ILE E 156 5.30 28.63 7.00
CA ILE E 156 4.18 27.68 7.06
C ILE E 156 3.96 27.13 8.47
N THR E 157 2.72 26.71 8.73
CA THR E 157 2.30 26.18 10.03
C THR E 157 1.77 24.75 9.94
N THR E 158 0.88 24.51 8.97
CA THR E 158 0.21 23.21 8.84
C THR E 158 0.81 22.36 7.73
N GLU E 159 0.44 21.09 7.73
CA GLU E 159 0.86 20.14 6.70
C GLU E 159 0.36 20.54 5.30
N LYS E 160 -0.89 20.98 5.23
CA LYS E 160 -1.47 21.46 3.95
C LYS E 160 -0.65 22.60 3.36
N GLU E 161 -0.29 23.56 4.19
CA GLU E 161 0.55 24.70 3.77
C GLU E 161 1.93 24.27 3.28
N LEU E 162 2.53 23.29 3.95
CA LEU E 162 3.82 22.73 3.54
C LEU E 162 3.74 22.11 2.15
N ILE E 163 2.75 21.23 1.95
CA ILE E 163 2.60 20.48 0.69
C ILE E 163 2.44 21.42 -0.51
N LYS E 164 1.61 22.45 -0.34
CA LYS E 164 1.41 23.47 -1.38
C LYS E 164 2.63 24.37 -1.58
N GLU E 165 3.29 24.73 -0.49
CA GLU E 165 4.54 25.50 -0.59
C GLU E 165 5.67 24.73 -1.28
N LEU E 166 5.70 23.41 -1.12
CA LEU E 166 6.68 22.56 -1.83
C LEU E 166 6.38 22.39 -3.33
N GLY E 167 5.19 22.77 -3.76
CA GLY E 167 4.79 22.75 -5.17
C GLY E 167 4.00 21.53 -5.60
N PHE E 168 3.35 20.87 -4.64
CA PHE E 168 2.60 19.64 -4.93
C PHE E 168 1.11 19.83 -4.66
N THR E 169 0.32 18.94 -5.24
CA THR E 169 -1.13 18.93 -5.07
C THR E 169 -1.51 18.41 -3.68
N TYR E 170 -2.30 19.16 -2.93
CA TYR E 170 -2.80 18.65 -1.65
C TYR E 170 -3.79 17.50 -1.88
N ARG E 171 -3.52 16.37 -1.23
CA ARG E 171 -4.45 15.26 -1.15
C ARG E 171 -4.64 14.89 0.32
N ILE E 172 -5.86 14.49 0.67
CA ILE E 172 -6.12 13.94 2.01
C ILE E 172 -5.34 12.64 2.20
N PRO E 173 -4.95 12.32 3.46
CA PRO E 173 -4.08 11.16 3.74
C PRO E 173 -4.44 9.85 3.01
N LYS E 174 -5.72 9.50 2.98
CA LYS E 174 -6.14 8.24 2.33
C LYS E 174 -5.99 8.21 0.80
N LYS E 175 -5.86 9.38 0.17
CA LYS E 175 -5.68 9.47 -1.29
C LYS E 175 -4.22 9.72 -1.74
N ARG E 176 -3.25 9.60 -0.82
CA ARG E 176 -1.83 9.79 -1.17
C ARG E 176 -1.16 8.51 -1.68
N LEU E 177 -0.42 8.62 -2.78
CA LEU E 177 0.24 7.47 -3.38
C LEU E 177 1.45 7.86 -4.24
N GLY F 2 17.90 -9.28 27.57
CA GLY F 2 18.82 -10.35 28.03
C GLY F 2 19.65 -9.96 29.23
N GLY F 3 19.93 -10.93 30.10
CA GLY F 3 20.79 -10.72 31.26
C GLY F 3 22.26 -10.84 30.89
N MET F 4 23.14 -10.38 31.77
CA MET F 4 24.58 -10.50 31.53
C MET F 4 25.09 -11.89 31.90
N LEU F 5 26.14 -12.32 31.22
CA LEU F 5 26.74 -13.65 31.40
C LEU F 5 28.21 -13.52 31.79
N THR F 6 28.71 -14.52 32.48
CA THR F 6 30.15 -14.71 32.66
C THR F 6 30.73 -15.30 31.37
N LEU F 7 32.05 -15.19 31.21
CA LEU F 7 32.74 -15.75 30.06
C LEU F 7 32.51 -17.27 29.94
N ILE F 8 32.68 -17.97 31.07
CA ILE F 8 32.46 -19.42 31.11
C ILE F 8 31.00 -19.81 30.78
N GLN F 9 30.02 -19.02 31.23
CA GLN F 9 28.62 -19.23 30.84
C GLN F 9 28.41 -19.13 29.31
N GLY F 10 29.00 -18.09 28.73
CA GLY F 10 29.00 -17.90 27.28
C GLY F 10 29.61 -19.08 26.54
N LYS F 11 30.80 -19.50 26.98
CA LYS F 11 31.48 -20.66 26.39
C LYS F 11 30.65 -21.95 26.47
N LYS F 12 29.98 -22.15 27.60
CA LYS F 12 29.10 -23.32 27.78
C LYS F 12 27.89 -23.27 26.82
N ILE F 13 27.32 -22.08 26.65
CA ILE F 13 26.23 -21.88 25.69
C ILE F 13 26.68 -22.18 24.26
N VAL F 14 27.85 -21.68 23.87
CA VAL F 14 28.38 -21.92 22.52
C VAL F 14 28.66 -23.40 22.28
N ASN F 15 29.32 -24.04 23.25
CA ASN F 15 29.58 -25.49 23.21
C ASN F 15 28.30 -26.27 22.94
N HIS F 16 27.24 -25.94 23.69
CA HIS F 16 25.92 -26.54 23.54
C HIS F 16 25.34 -26.32 22.14
N LEU F 17 25.39 -25.07 21.68
CA LEU F 17 24.84 -24.68 20.37
C LEU F 17 25.55 -25.31 19.18
N ARG F 18 26.84 -25.61 19.30
CA ARG F 18 27.66 -26.12 18.18
C ARG F 18 27.12 -27.36 17.47
N SER F 19 26.45 -28.25 18.21
CA SER F 19 25.88 -29.47 17.66
C SER F 19 24.38 -29.37 17.41
N ARG F 20 23.76 -28.22 17.69
CA ARG F 20 22.30 -28.09 17.71
C ARG F 20 21.74 -26.99 16.80
N LEU F 21 22.57 -26.36 15.98
CA LEU F 21 22.08 -25.35 15.04
C LEU F 21 21.72 -26.00 13.72
N ALA F 22 20.60 -25.56 13.15
CA ALA F 22 20.14 -26.02 11.85
C ALA F 22 19.26 -24.94 11.23
N PHE F 23 18.85 -25.14 9.98
CA PHE F 23 17.86 -24.26 9.36
C PHE F 23 16.95 -25.06 8.44
N GLU F 24 15.73 -24.55 8.25
CA GLU F 24 14.74 -25.19 7.40
C GLU F 24 14.83 -24.57 6.00
N TYR F 25 15.04 -25.44 5.00
CA TYR F 25 15.20 -25.04 3.61
C TYR F 25 14.08 -25.70 2.79
N ASN F 26 13.03 -24.94 2.51
CA ASN F 26 11.84 -25.43 1.81
C ASN F 26 11.33 -26.75 2.40
N GLY F 27 11.13 -26.77 3.72
CA GLY F 27 10.63 -27.94 4.44
C GLY F 27 11.64 -28.98 4.93
N GLN F 28 12.91 -28.83 4.51
CA GLN F 28 13.98 -29.78 4.82
C GLN F 28 14.90 -29.21 5.88
N LEU F 29 15.11 -29.95 6.97
CA LEU F 29 16.00 -29.51 8.04
C LEU F 29 17.46 -29.79 7.66
N ILE F 30 18.25 -28.72 7.51
CA ILE F 30 19.66 -28.82 7.14
C ILE F 30 20.49 -28.41 8.36
N LYS F 31 21.30 -29.33 8.87
CA LYS F 31 22.16 -29.07 10.01
C LYS F 31 23.31 -28.14 9.63
N ILE F 32 23.63 -27.20 10.53
CA ILE F 32 24.78 -26.31 10.37
C ILE F 32 25.96 -27.01 11.05
N LEU F 33 27.09 -27.08 10.35
CA LEU F 33 28.26 -27.80 10.86
C LEU F 33 29.03 -26.95 11.85
N SER F 34 29.61 -27.59 12.86
CA SER F 34 30.40 -26.91 13.88
C SER F 34 31.58 -26.12 13.32
N LYS F 35 32.22 -26.64 12.28
CA LYS F 35 33.31 -25.92 11.57
C LYS F 35 32.86 -24.61 10.91
N ASN F 36 31.56 -24.48 10.64
CA ASN F 36 30.99 -23.24 10.08
C ASN F 36 30.37 -22.31 11.14
N ILE F 37 30.63 -22.57 12.42
CA ILE F 37 30.16 -21.72 13.52
C ILE F 37 31.40 -21.15 14.21
N VAL F 38 31.52 -19.83 14.18
CA VAL F 38 32.67 -19.13 14.77
C VAL F 38 32.18 -18.21 15.89
N ALA F 39 32.75 -18.39 17.08
CA ALA F 39 32.50 -17.49 18.20
C ALA F 39 33.16 -16.15 17.86
N VAL F 40 32.40 -15.06 17.99
CA VAL F 40 32.90 -13.72 17.70
C VAL F 40 32.50 -12.78 18.85
N GLY F 41 32.62 -11.47 18.67
CA GLY F 41 32.21 -10.51 19.68
C GLY F 41 33.06 -10.55 20.94
N SER F 42 32.48 -10.07 22.04
CA SER F 42 33.22 -9.97 23.31
C SER F 42 33.63 -11.35 23.87
N LEU F 43 32.88 -12.39 23.51
CA LEU F 43 33.26 -13.77 23.84
C LEU F 43 34.61 -14.15 23.23
N ARG F 44 34.81 -13.87 21.94
CA ARG F 44 36.12 -14.12 21.29
C ARG F 44 37.23 -13.24 21.88
N ARG F 45 36.89 -12.01 22.30
CA ARG F 45 37.84 -11.14 22.97
C ARG F 45 38.13 -11.53 24.44
N GLU F 46 37.45 -12.56 24.95
CA GLU F 46 37.70 -13.11 26.28
C GLU F 46 37.44 -12.11 27.41
N GLU F 47 36.40 -11.31 27.25
CA GLU F 47 35.97 -10.37 28.28
C GLU F 47 35.25 -11.13 29.40
N LYS F 48 35.44 -10.68 30.63
CA LYS F 48 35.03 -11.42 31.82
C LYS F 48 33.50 -11.52 31.94
N MET F 49 32.81 -10.43 31.62
CA MET F 49 31.35 -10.42 31.52
C MET F 49 30.92 -10.08 30.10
N LEU F 50 29.83 -10.71 29.66
CA LEU F 50 29.29 -10.56 28.32
C LEU F 50 27.88 -10.01 28.41
N ASN F 51 27.56 -9.07 27.54
CA ASN F 51 26.17 -8.60 27.39
C ASN F 51 25.32 -9.60 26.60
N ASP F 52 25.99 -10.44 25.79
CA ASP F 52 25.32 -11.39 24.91
C ASP F 52 26.35 -12.37 24.31
N VAL F 53 25.84 -13.36 23.57
CA VAL F 53 26.68 -14.34 22.87
C VAL F 53 26.59 -14.08 21.37
N ASP F 54 27.75 -13.96 20.71
CA ASP F 54 27.82 -13.70 19.27
C ASP F 54 28.40 -14.88 18.52
N LEU F 55 27.63 -15.37 17.54
CA LEU F 55 28.08 -16.44 16.64
C LEU F 55 28.02 -15.99 15.19
N LEU F 56 29.10 -16.28 14.46
CA LEU F 56 29.16 -16.07 13.02
C LEU F 56 29.00 -17.40 12.31
N ILE F 57 28.00 -17.50 11.45
CA ILE F 57 27.71 -18.71 10.68
C ILE F 57 28.22 -18.54 9.25
N ILE F 58 29.06 -19.46 8.80
CA ILE F 58 29.62 -19.43 7.46
C ILE F 58 28.68 -20.21 6.55
N VAL F 59 28.13 -19.52 5.55
CA VAL F 59 27.13 -20.08 4.65
C VAL F 59 27.81 -20.39 3.32
N PRO F 60 27.75 -21.65 2.85
CA PRO F 60 28.55 -22.07 1.69
C PRO F 60 28.05 -21.63 0.32
N GLU F 61 26.80 -21.21 0.22
CA GLU F 61 26.19 -20.81 -1.06
C GLU F 61 25.36 -19.54 -0.87
N LYS F 62 25.53 -18.57 -1.78
CA LYS F 62 24.82 -17.30 -1.73
C LYS F 62 23.30 -17.48 -1.69
N LYS F 63 22.78 -18.45 -2.46
CA LYS F 63 21.33 -18.73 -2.50
C LYS F 63 20.73 -19.15 -1.16
N LEU F 64 21.55 -19.71 -0.27
CA LEU F 64 21.08 -20.12 1.06
C LEU F 64 20.85 -18.96 2.04
N LEU F 65 21.39 -17.77 1.79
CA LEU F 65 21.26 -16.64 2.72
C LEU F 65 19.81 -16.26 3.06
N LYS F 66 18.93 -16.35 2.08
CA LYS F 66 17.50 -16.09 2.33
C LYS F 66 16.84 -17.13 3.26
N HIS F 67 17.47 -18.28 3.43
CA HIS F 67 16.90 -19.38 4.22
C HIS F 67 17.48 -19.57 5.63
N VAL F 68 18.77 -19.29 5.81
CA VAL F 68 19.47 -19.74 7.03
C VAL F 68 18.98 -19.09 8.34
N LEU F 69 19.18 -17.79 8.49
CA LEU F 69 18.75 -17.10 9.71
C LEU F 69 17.22 -16.95 9.81
N PRO F 70 16.54 -16.59 8.69
CA PRO F 70 15.08 -16.51 8.78
C PRO F 70 14.36 -17.81 9.12
N ASN F 71 14.98 -18.97 8.85
CA ASN F 71 14.41 -20.26 9.29
C ASN F 71 15.32 -21.00 10.26
N ILE F 72 16.00 -20.26 11.13
CA ILE F 72 16.94 -20.86 12.10
C ILE F 72 16.21 -21.78 13.09
N ARG F 73 16.85 -22.90 13.42
CA ARG F 73 16.33 -23.88 14.37
C ARG F 73 17.41 -24.21 15.37
N ILE F 74 17.03 -24.37 16.63
CA ILE F 74 17.95 -24.77 17.69
C ILE F 74 17.32 -25.93 18.44
N LYS F 75 17.97 -27.09 18.38
CA LYS F 75 17.41 -28.31 18.97
C LYS F 75 17.31 -28.16 20.49
N GLY F 76 16.11 -28.38 21.02
CA GLY F 76 15.90 -28.44 22.46
C GLY F 76 15.85 -27.14 23.23
N LEU F 77 16.21 -26.03 22.55
CA LEU F 77 16.36 -24.73 23.24
C LEU F 77 15.16 -23.80 23.05
N SER F 78 14.62 -23.25 24.14
CA SER F 78 13.55 -22.25 24.09
C SER F 78 14.12 -20.91 23.66
N PHE F 79 13.62 -20.37 22.54
CA PHE F 79 14.01 -19.03 22.12
C PHE F 79 12.88 -18.27 21.42
N SER F 80 13.06 -16.97 21.33
CA SER F 80 12.19 -16.10 20.52
C SER F 80 13.04 -15.13 19.72
N VAL F 81 12.47 -14.66 18.60
CA VAL F 81 13.17 -13.82 17.64
C VAL F 81 12.82 -12.36 17.87
N LYS F 82 13.82 -11.52 18.13
CA LYS F 82 13.63 -10.07 18.31
C LYS F 82 13.64 -9.31 16.98
N VAL F 83 14.73 -9.48 16.24
CA VAL F 83 14.87 -8.97 14.88
C VAL F 83 15.63 -10.01 14.07
N CYS F 84 15.29 -10.14 12.79
CA CYS F 84 15.90 -11.19 11.95
C CYS F 84 15.81 -10.95 10.46
N GLY F 85 16.95 -11.01 9.80
CA GLY F 85 17.02 -10.99 8.35
C GLY F 85 18.08 -11.97 7.88
N GLU F 86 18.61 -11.75 6.69
CA GLU F 86 19.57 -12.69 6.09
C GLU F 86 20.96 -12.61 6.74
N ARG F 87 21.29 -11.43 7.29
CA ARG F 87 22.64 -11.17 7.80
C ARG F 87 22.74 -11.01 9.32
N LYS F 88 21.65 -10.64 9.99
CA LYS F 88 21.61 -10.51 11.44
C LYS F 88 20.29 -11.05 11.99
N CYS F 89 20.40 -11.88 13.04
CA CYS F 89 19.24 -12.42 13.71
C CYS F 89 19.52 -12.41 15.21
N VAL F 90 18.77 -11.60 15.95
CA VAL F 90 18.93 -11.47 17.40
C VAL F 90 17.87 -12.33 18.08
N LEU F 91 18.31 -13.29 18.88
CA LEU F 91 17.41 -14.18 19.62
C LEU F 91 17.53 -13.95 21.11
N PHE F 92 16.42 -14.15 21.82
CA PHE F 92 16.44 -14.28 23.28
C PHE F 92 16.26 -15.75 23.61
N ILE F 93 17.25 -16.33 24.28
CA ILE F 93 17.26 -17.77 24.59
C ILE F 93 17.07 -17.99 26.09
N GLU F 94 16.45 -19.11 26.44
CA GLU F 94 16.31 -19.52 27.84
C GLU F 94 17.45 -20.49 28.18
N TRP F 95 18.29 -20.14 29.14
CA TRP F 95 19.39 -21.00 29.59
C TRP F 95 19.33 -21.11 31.11
N GLU F 96 18.94 -22.28 31.60
CA GLU F 96 18.84 -22.57 33.04
C GLU F 96 17.98 -21.51 33.76
N LYS F 97 16.76 -21.36 33.26
CA LYS F 97 15.78 -20.45 33.84
C LYS F 97 16.07 -18.94 33.74
N LYS F 98 17.07 -18.57 32.95
CA LYS F 98 17.44 -17.16 32.73
C LYS F 98 17.39 -16.85 31.23
N THR F 99 17.09 -15.60 30.90
CA THR F 99 17.01 -15.15 29.50
C THR F 99 18.28 -14.42 29.09
N TYR F 100 18.90 -14.87 27.99
CA TYR F 100 20.11 -14.25 27.44
C TYR F 100 19.93 -13.95 25.95
N GLN F 101 20.65 -12.95 25.47
CA GLN F 101 20.60 -12.56 24.07
C GLN F 101 21.67 -13.29 23.26
N LEU F 102 21.24 -13.91 22.17
CA LEU F 102 22.12 -14.62 21.24
C LEU F 102 22.04 -13.92 19.89
N ASP F 103 23.18 -13.39 19.44
CA ASP F 103 23.25 -12.69 18.16
C ASP F 103 23.91 -13.57 17.09
N LEU F 104 23.16 -13.86 16.04
CA LEU F 104 23.65 -14.68 14.94
C LEU F 104 23.90 -13.81 13.72
N PHE F 105 25.05 -14.02 13.09
CA PHE F 105 25.40 -13.31 11.87
C PHE F 105 25.83 -14.33 10.82
N THR F 106 25.68 -13.96 9.54
CA THR F 106 26.13 -14.82 8.44
C THR F 106 27.19 -14.18 7.55
N ALA F 107 28.15 -15.01 7.15
CA ALA F 107 29.13 -14.64 6.15
C ALA F 107 29.22 -15.73 5.09
N LEU F 108 29.45 -15.31 3.86
CA LEU F 108 29.81 -16.23 2.78
C LEU F 108 31.27 -16.62 2.93
N ALA F 109 31.65 -17.75 2.34
CA ALA F 109 33.02 -18.29 2.47
C ALA F 109 34.10 -17.28 2.06
N GLU F 110 33.90 -16.61 0.94
CA GLU F 110 34.84 -15.58 0.46
C GLU F 110 34.93 -14.33 1.37
N GLU F 111 33.89 -14.09 2.18
CA GLU F 111 33.87 -12.97 3.13
C GLU F 111 34.49 -13.31 4.50
N LYS F 112 34.73 -14.60 4.76
CA LYS F 112 35.03 -15.10 6.12
C LYS F 112 36.07 -14.29 6.92
N PRO F 113 37.29 -14.08 6.37
CA PRO F 113 38.28 -13.32 7.15
C PRO F 113 37.84 -11.89 7.49
N TYR F 114 37.14 -11.24 6.55
CA TYR F 114 36.64 -9.87 6.73
C TYR F 114 35.53 -9.84 7.76
N ALA F 115 34.66 -10.85 7.73
CA ALA F 115 33.58 -10.99 8.70
C ALA F 115 34.11 -11.25 10.11
N ILE F 116 35.07 -12.17 10.24
CA ILE F 116 35.67 -12.47 11.54
C ILE F 116 36.31 -11.20 12.12
N PHE F 117 37.04 -10.46 11.28
CA PHE F 117 37.69 -9.21 11.70
C PHE F 117 36.68 -8.18 12.20
N HIS F 118 35.64 -7.95 11.41
CA HIS F 118 34.54 -7.04 11.79
C HIS F 118 33.87 -7.48 13.10
N PHE F 119 33.37 -8.71 13.14
CA PHE F 119 32.56 -9.17 14.28
C PHE F 119 33.35 -9.43 15.57
N THR F 120 34.67 -9.49 15.49
CA THR F 120 35.51 -9.59 16.69
C THR F 120 35.55 -8.26 17.44
N GLY F 121 35.66 -7.14 16.72
CA GLY F 121 35.76 -5.83 17.33
C GLY F 121 37.05 -5.70 18.15
N PRO F 122 37.08 -4.87 19.19
CA PRO F 122 35.97 -4.00 19.61
C PRO F 122 35.73 -2.84 18.65
N VAL F 123 34.63 -2.14 18.87
CA VAL F 123 34.19 -1.08 17.94
C VAL F 123 35.24 0.02 17.81
N SER F 124 35.81 0.47 18.94
CA SER F 124 36.84 1.51 18.96
C SER F 124 38.01 1.16 18.04
N TYR F 125 38.46 -0.09 18.12
CA TYR F 125 39.54 -0.61 17.29
C TYR F 125 39.20 -0.57 15.79
N LEU F 126 37.99 -1.01 15.45
CA LEU F 126 37.54 -1.01 14.05
C LEU F 126 37.46 0.41 13.49
N ILE F 127 36.94 1.34 14.29
CA ILE F 127 36.83 2.74 13.88
C ILE F 127 38.21 3.30 13.53
N ARG F 128 39.20 3.03 14.38
CA ARG F 128 40.57 3.48 14.17
C ARG F 128 41.14 2.91 12.86
N ILE F 129 41.09 1.58 12.72
CA ILE F 129 41.57 0.87 11.53
C ILE F 129 40.90 1.41 10.26
N ARG F 130 39.58 1.55 10.31
CA ARG F 130 38.83 2.00 9.15
C ARG F 130 39.09 3.46 8.79
N ALA F 131 39.26 4.30 9.80
CA ALA F 131 39.63 5.70 9.60
C ALA F 131 40.97 5.80 8.87
N ALA F 132 41.95 5.03 9.33
CA ALA F 132 43.27 5.01 8.70
C ALA F 132 43.19 4.58 7.23
N LEU F 133 42.45 3.51 6.96
CA LEU F 133 42.26 3.03 5.59
C LEU F 133 41.49 4.06 4.74
N LYS F 134 40.51 4.73 5.35
CA LYS F 134 39.73 5.78 4.66
C LYS F 134 40.59 6.96 4.18
N LYS F 135 41.63 7.29 4.94
CA LYS F 135 42.61 8.32 4.55
C LYS F 135 43.37 7.97 3.26
N LYS F 136 43.52 6.67 2.99
CA LYS F 136 44.13 6.16 1.76
C LYS F 136 43.12 5.78 0.66
N ASN F 137 41.90 6.33 0.73
CA ASN F 137 40.83 6.07 -0.25
C ASN F 137 40.36 4.59 -0.31
N TYR F 138 40.43 3.89 0.82
CA TYR F 138 39.86 2.53 0.94
C TYR F 138 38.59 2.55 1.80
N LYS F 139 37.78 1.51 1.64
CA LYS F 139 36.64 1.27 2.53
C LYS F 139 36.71 -0.20 2.94
N LEU F 140 36.84 -0.45 4.25
CA LEU F 140 36.81 -1.79 4.81
C LEU F 140 35.48 -2.05 5.51
N ASN F 141 34.89 -3.20 5.22
CA ASN F 141 33.68 -3.66 5.91
C ASN F 141 33.76 -5.17 6.16
N GLN F 142 32.66 -5.75 6.67
CA GLN F 142 32.56 -7.19 6.93
C GLN F 142 32.57 -8.10 5.68
N TYR F 143 32.42 -7.51 4.50
CA TYR F 143 32.37 -8.23 3.22
C TYR F 143 33.66 -8.20 2.40
N GLY F 144 34.49 -7.18 2.59
CA GLY F 144 35.71 -7.04 1.80
C GLY F 144 36.42 -5.71 1.99
N LEU F 145 37.54 -5.55 1.28
CA LEU F 145 38.22 -4.27 1.14
C LEU F 145 37.87 -3.68 -0.22
N PHE F 146 37.52 -2.40 -0.22
CA PHE F 146 37.07 -1.71 -1.43
C PHE F 146 37.87 -0.43 -1.68
N LYS F 147 38.05 -0.12 -2.96
CA LYS F 147 38.55 1.19 -3.38
C LYS F 147 37.78 1.65 -4.62
N ASN F 148 37.25 2.86 -4.56
CA ASN F 148 36.37 3.41 -5.60
C ASN F 148 35.16 2.52 -5.86
N GLN F 149 34.55 2.02 -4.78
CA GLN F 149 33.40 1.12 -4.82
C GLN F 149 33.65 -0.19 -5.60
N THR F 150 34.91 -0.65 -5.60
CA THR F 150 35.32 -1.86 -6.34
C THR F 150 36.16 -2.74 -5.42
N LEU F 151 35.83 -4.04 -5.38
CA LEU F 151 36.48 -4.99 -4.50
C LEU F 151 37.97 -5.07 -4.83
N VAL F 152 38.80 -4.95 -3.80
CA VAL F 152 40.25 -5.10 -3.93
C VAL F 152 40.60 -6.57 -3.68
N PRO F 153 40.89 -7.34 -4.74
CA PRO F 153 41.05 -8.79 -4.56
C PRO F 153 42.36 -9.10 -3.83
N LEU F 154 42.27 -9.30 -2.52
CA LEU F 154 43.44 -9.66 -1.70
C LEU F 154 43.65 -11.17 -1.70
N LYS F 155 44.92 -11.57 -1.74
CA LYS F 155 45.30 -12.98 -1.80
C LYS F 155 45.50 -13.45 -0.36
N ILE F 156 44.39 -13.65 0.34
CA ILE F 156 44.39 -14.04 1.75
C ILE F 156 43.27 -15.02 2.09
N THR F 157 43.49 -15.79 3.16
CA THR F 157 42.55 -16.80 3.62
C THR F 157 42.06 -16.51 5.05
N THR F 158 43.00 -16.29 5.96
CA THR F 158 42.70 -16.15 7.39
C THR F 158 42.65 -14.69 7.83
N GLU F 159 42.11 -14.47 9.03
CA GLU F 159 42.02 -13.14 9.62
C GLU F 159 43.41 -12.53 9.86
N LYS F 160 44.36 -13.34 10.34
CA LYS F 160 45.74 -12.89 10.55
C LYS F 160 46.34 -12.35 9.26
N GLU F 161 46.17 -13.10 8.17
CA GLU F 161 46.66 -12.69 6.84
C GLU F 161 46.05 -11.37 6.39
N LEU F 162 44.74 -11.21 6.61
CA LEU F 162 44.04 -9.96 6.27
C LEU F 162 44.62 -8.76 7.01
N ILE F 163 44.77 -8.88 8.33
CA ILE F 163 45.24 -7.79 9.19
C ILE F 163 46.63 -7.31 8.76
N LYS F 164 47.53 -8.26 8.50
CA LYS F 164 48.90 -7.96 8.04
C LYS F 164 48.92 -7.41 6.62
N GLU F 165 48.08 -7.94 5.74
CA GLU F 165 47.95 -7.42 4.37
C GLU F 165 47.40 -5.98 4.34
N LEU F 166 46.53 -5.63 5.27
CA LEU F 166 46.01 -4.26 5.40
C LEU F 166 47.03 -3.26 5.95
N GLY F 167 48.14 -3.76 6.51
CA GLY F 167 49.24 -2.93 6.98
C GLY F 167 49.19 -2.63 8.47
N PHE F 168 48.56 -3.51 9.25
CA PHE F 168 48.43 -3.32 10.70
C PHE F 168 49.13 -4.43 11.46
N THR F 169 49.40 -4.17 12.73
CA THR F 169 50.04 -5.13 13.62
C THR F 169 49.02 -6.19 14.03
N TYR F 170 49.36 -7.47 13.86
CA TYR F 170 48.49 -8.52 14.35
C TYR F 170 48.49 -8.53 15.88
N ARG F 171 47.31 -8.47 16.46
CA ARG F 171 47.10 -8.70 17.89
C ARG F 171 46.05 -9.78 18.05
N ILE F 172 46.21 -10.60 19.09
CA ILE F 172 45.17 -11.56 19.46
C ILE F 172 43.90 -10.81 19.92
N PRO F 173 42.71 -11.41 19.73
CA PRO F 173 41.44 -10.73 20.01
C PRO F 173 41.35 -9.95 21.34
N LYS F 174 41.85 -10.54 22.42
CA LYS F 174 41.78 -9.89 23.74
C LYS F 174 42.71 -8.67 23.91
N LYS F 175 43.69 -8.50 23.03
CA LYS F 175 44.58 -7.34 23.05
C LYS F 175 44.27 -6.24 22.01
N ARG F 176 43.10 -6.33 21.35
CA ARG F 176 42.70 -5.34 20.36
C ARG F 176 41.88 -4.33 21.14
N LEU F 177 42.25 -3.06 21.02
CA LEU F 177 41.65 -2.00 21.81
C LEU F 177 41.61 -0.73 20.98
N GLY G 1 -28.50 -6.78 -12.54
CA GLY G 1 -28.99 -6.26 -11.23
C GLY G 1 -30.45 -5.82 -11.22
N GLY G 2 -30.76 -4.66 -11.84
CA GLY G 2 -32.12 -4.09 -11.79
C GLY G 2 -33.03 -4.58 -12.90
N GLY G 3 -34.32 -4.72 -12.59
CA GLY G 3 -35.33 -5.12 -13.57
C GLY G 3 -35.77 -3.94 -14.42
N MET G 4 -36.49 -4.22 -15.49
CA MET G 4 -37.06 -3.15 -16.33
C MET G 4 -38.38 -2.65 -15.75
N LEU G 5 -38.67 -1.37 -16.00
CA LEU G 5 -39.86 -0.70 -15.50
C LEU G 5 -40.68 -0.16 -16.65
N THR G 6 -41.98 0.00 -16.41
CA THR G 6 -42.84 0.80 -17.29
C THR G 6 -42.62 2.28 -16.98
N LEU G 7 -43.05 3.14 -17.90
CA LEU G 7 -42.96 4.58 -17.73
C LEU G 7 -43.70 5.05 -16.48
N ILE G 8 -44.93 4.56 -16.31
CA ILE G 8 -45.76 4.89 -15.14
C ILE G 8 -45.13 4.40 -13.82
N GLN G 9 -44.49 3.23 -13.82
CA GLN G 9 -43.75 2.74 -12.64
C GLN G 9 -42.61 3.69 -12.26
N GLY G 10 -41.85 4.12 -13.27
CA GLY G 10 -40.77 5.11 -13.09
C GLY G 10 -41.29 6.41 -12.51
N LYS G 11 -42.36 6.94 -13.09
CA LYS G 11 -42.99 8.18 -12.61
C LYS G 11 -43.49 8.07 -11.17
N LYS G 12 -44.03 6.92 -10.79
CA LYS G 12 -44.46 6.68 -9.41
C LYS G 12 -43.27 6.65 -8.44
N ILE G 13 -42.19 6.01 -8.85
CA ILE G 13 -40.95 5.98 -8.07
C ILE G 13 -40.39 7.40 -7.85
N VAL G 14 -40.36 8.20 -8.90
CA VAL G 14 -39.86 9.58 -8.82
C VAL G 14 -40.73 10.42 -7.89
N ASN G 15 -42.05 10.33 -8.08
CA ASN G 15 -43.03 11.01 -7.21
C ASN G 15 -42.75 10.72 -5.73
N HIS G 16 -42.58 9.44 -5.43
CA HIS G 16 -42.25 8.97 -4.08
C HIS G 16 -40.94 9.54 -3.55
N LEU G 17 -39.90 9.51 -4.38
CA LEU G 17 -38.57 9.99 -4.01
C LEU G 17 -38.48 11.51 -3.80
N ARG G 18 -39.33 12.28 -4.47
CA ARG G 18 -39.26 13.76 -4.42
C ARG G 18 -39.30 14.37 -3.03
N SER G 19 -40.04 13.76 -2.11
CA SER G 19 -40.16 14.26 -0.74
C SER G 19 -39.26 13.52 0.26
N ARG G 20 -38.49 12.53 -0.20
CA ARG G 20 -37.78 11.62 0.69
C ARG G 20 -36.25 11.60 0.53
N LEU G 21 -35.70 12.43 -0.36
CA LEU G 21 -34.26 12.48 -0.57
C LEU G 21 -33.62 13.47 0.41
N ALA G 22 -32.49 13.07 0.98
CA ALA G 22 -31.71 13.90 1.88
C ALA G 22 -30.26 13.46 1.83
N PHE G 23 -29.38 14.19 2.51
CA PHE G 23 -27.99 13.76 2.70
C PHE G 23 -27.46 14.18 4.05
N GLU G 24 -26.48 13.42 4.55
CA GLU G 24 -25.88 13.68 5.84
C GLU G 24 -24.62 14.53 5.65
N TYR G 25 -24.59 15.68 6.31
CA TYR G 25 -23.50 16.66 6.20
C TYR G 25 -22.86 16.87 7.58
N ASN G 26 -21.76 16.14 7.82
CA ASN G 26 -21.06 16.12 9.12
C ASN G 26 -22.04 15.87 10.29
N GLY G 27 -22.82 14.79 10.16
CA GLY G 27 -23.79 14.40 11.19
C GLY G 27 -25.17 15.04 11.18
N GLN G 28 -25.40 15.99 10.26
CA GLN G 28 -26.65 16.75 10.17
C GLN G 28 -27.42 16.32 8.91
N LEU G 29 -28.68 15.87 9.06
CA LEU G 29 -29.50 15.46 7.93
C LEU G 29 -30.07 16.70 7.22
N ILE G 30 -29.68 16.89 5.96
CA ILE G 30 -30.13 18.02 5.15
C ILE G 30 -31.03 17.50 4.04
N LYS G 31 -32.29 17.91 4.06
CA LYS G 31 -33.27 17.49 3.05
C LYS G 31 -32.95 18.12 1.69
N ILE G 32 -33.12 17.33 0.64
CA ILE G 32 -32.99 17.81 -0.73
C ILE G 32 -34.38 18.28 -1.15
N LEU G 33 -34.47 19.48 -1.73
CA LEU G 33 -35.76 20.04 -2.10
C LEU G 33 -36.23 19.49 -3.43
N SER G 34 -37.54 19.31 -3.57
CA SER G 34 -38.14 18.79 -4.80
C SER G 34 -37.78 19.63 -6.04
N LYS G 35 -37.74 20.95 -5.88
CA LYS G 35 -37.32 21.87 -6.97
C LYS G 35 -35.89 21.63 -7.48
N ASN G 36 -35.05 21.00 -6.65
CA ASN G 36 -33.69 20.61 -7.02
C ASN G 36 -33.53 19.15 -7.45
N ILE G 37 -34.64 18.47 -7.74
CA ILE G 37 -34.64 17.10 -8.24
C ILE G 37 -35.28 17.14 -9.63
N VAL G 38 -34.52 16.76 -10.65
CA VAL G 38 -34.99 16.78 -12.04
C VAL G 38 -34.94 15.36 -12.60
N ALA G 39 -36.09 14.90 -13.10
CA ALA G 39 -36.16 13.62 -13.81
C ALA G 39 -35.44 13.77 -15.15
N VAL G 40 -34.50 12.87 -15.43
CA VAL G 40 -33.71 12.92 -16.67
C VAL G 40 -33.72 11.52 -17.31
N GLY G 41 -32.84 11.27 -18.27
CA GLY G 41 -32.73 9.96 -18.90
C GLY G 41 -33.94 9.59 -19.72
N SER G 42 -34.11 8.28 -19.92
CA SER G 42 -35.22 7.76 -20.74
C SER G 42 -36.60 8.10 -20.16
N LEU G 43 -36.68 8.26 -18.84
CA LEU G 43 -37.91 8.71 -18.18
C LEU G 43 -38.35 10.09 -18.67
N ARG G 44 -37.42 11.05 -18.75
CA ARG G 44 -37.73 12.38 -19.31
C ARG G 44 -38.06 12.32 -20.81
N ARG G 45 -37.44 11.39 -21.54
CA ARG G 45 -37.76 11.16 -22.94
C ARG G 45 -39.09 10.40 -23.18
N GLU G 46 -39.75 9.98 -22.09
CA GLU G 46 -41.08 9.37 -22.15
C GLU G 46 -41.08 8.05 -22.94
N GLU G 47 -40.02 7.27 -22.75
CA GLU G 47 -39.94 5.94 -23.35
C GLU G 47 -40.85 5.00 -22.57
N LYS G 48 -41.42 4.02 -23.27
CA LYS G 48 -42.47 3.17 -22.71
C LYS G 48 -41.93 2.23 -21.64
N MET G 49 -40.75 1.65 -21.88
CA MET G 49 -40.02 0.86 -20.90
C MET G 49 -38.70 1.53 -20.56
N LEU G 50 -38.30 1.41 -19.29
CA LEU G 50 -37.09 2.00 -18.75
C LEU G 50 -36.19 0.90 -18.25
N ASN G 51 -34.89 1.04 -18.47
CA ASN G 51 -33.90 0.16 -17.85
C ASN G 51 -33.58 0.59 -16.42
N ASP G 52 -33.90 1.84 -16.08
CA ASP G 52 -33.61 2.40 -14.75
C ASP G 52 -34.29 3.77 -14.60
N VAL G 53 -34.18 4.36 -13.41
CA VAL G 53 -34.71 5.69 -13.14
C VAL G 53 -33.53 6.63 -12.94
N ASP G 54 -33.52 7.75 -13.67
CA ASP G 54 -32.46 8.75 -13.58
C ASP G 54 -32.96 10.03 -12.96
N LEU G 55 -32.26 10.48 -11.92
CA LEU G 55 -32.54 11.77 -11.27
C LEU G 55 -31.28 12.63 -11.23
N LEU G 56 -31.46 13.90 -11.60
CA LEU G 56 -30.42 14.90 -11.50
C LEU G 56 -30.71 15.78 -10.28
N ILE G 57 -29.74 15.85 -9.37
CA ILE G 57 -29.86 16.66 -8.15
C ILE G 57 -29.04 17.93 -8.32
N ILE G 58 -29.68 19.09 -8.13
CA ILE G 58 -29.02 20.38 -8.26
C ILE G 58 -28.48 20.76 -6.88
N VAL G 59 -27.17 20.92 -6.80
CA VAL G 59 -26.47 21.18 -5.54
C VAL G 59 -26.10 22.68 -5.54
N PRO G 60 -26.51 23.42 -4.47
CA PRO G 60 -26.37 24.89 -4.49
C PRO G 60 -24.97 25.42 -4.22
N GLU G 61 -24.09 24.61 -3.62
CA GLU G 61 -22.74 25.04 -3.27
C GLU G 61 -21.73 23.98 -3.65
N LYS G 62 -20.62 24.41 -4.24
CA LYS G 62 -19.55 23.49 -4.67
C LYS G 62 -18.98 22.64 -3.53
N LYS G 63 -18.88 23.22 -2.33
CA LYS G 63 -18.37 22.50 -1.15
C LYS G 63 -19.24 21.33 -0.69
N LEU G 64 -20.52 21.34 -1.04
CA LEU G 64 -21.43 20.24 -0.71
C LEU G 64 -21.29 18.99 -1.58
N LEU G 65 -20.63 19.08 -2.74
CA LEU G 65 -20.50 17.92 -3.64
C LEU G 65 -19.84 16.70 -3.02
N LYS G 66 -18.85 16.91 -2.15
CA LYS G 66 -18.23 15.79 -1.44
C LYS G 66 -19.17 15.07 -0.46
N HIS G 67 -20.27 15.73 -0.08
CA HIS G 67 -21.21 15.22 0.93
C HIS G 67 -22.52 14.65 0.41
N VAL G 68 -23.03 15.13 -0.73
CA VAL G 68 -24.40 14.81 -1.12
C VAL G 68 -24.56 13.33 -1.46
N LEU G 69 -24.05 12.90 -2.62
CA LEU G 69 -24.24 11.52 -3.06
C LEU G 69 -23.53 10.50 -2.14
N PRO G 70 -22.28 10.77 -1.74
CA PRO G 70 -21.61 9.82 -0.83
C PRO G 70 -22.26 9.65 0.56
N ASN G 71 -23.14 10.57 0.97
CA ASN G 71 -23.95 10.38 2.18
C ASN G 71 -25.43 10.52 1.86
N ILE G 72 -25.88 9.96 0.72
CA ILE G 72 -27.30 10.03 0.33
C ILE G 72 -28.16 9.23 1.31
N ARG G 73 -29.36 9.73 1.56
CA ARG G 73 -30.35 9.07 2.41
C ARG G 73 -31.71 9.11 1.72
N ILE G 74 -32.45 8.01 1.81
CA ILE G 74 -33.80 7.91 1.24
C ILE G 74 -34.71 7.40 2.34
N LYS G 75 -35.69 8.21 2.74
CA LYS G 75 -36.57 7.87 3.86
C LYS G 75 -37.44 6.68 3.51
N GLY G 76 -37.38 5.63 4.32
CA GLY G 76 -38.28 4.48 4.22
C GLY G 76 -37.94 3.43 3.18
N LEU G 77 -37.06 3.74 2.22
CA LEU G 77 -36.81 2.86 1.07
C LEU G 77 -35.57 2.00 1.30
N SER G 78 -35.70 0.72 0.97
CA SER G 78 -34.57 -0.22 1.00
C SER G 78 -33.68 -0.09 -0.23
N PHE G 79 -32.42 0.27 -0.02
CA PHE G 79 -31.48 0.36 -1.13
C PHE G 79 -30.07 -0.07 -0.76
N SER G 80 -29.27 -0.36 -1.79
CA SER G 80 -27.83 -0.57 -1.63
C SER G 80 -27.08 0.19 -2.72
N VAL G 81 -25.81 0.48 -2.44
CA VAL G 81 -24.97 1.31 -3.30
C VAL G 81 -24.08 0.41 -4.15
N LYS G 82 -24.17 0.53 -5.46
CA LYS G 82 -23.32 -0.23 -6.38
C LYS G 82 -22.01 0.51 -6.59
N VAL G 83 -22.08 1.72 -7.13
CA VAL G 83 -20.92 2.61 -7.30
C VAL G 83 -21.38 3.99 -6.87
N CYS G 84 -20.47 4.78 -6.31
CA CYS G 84 -20.82 6.11 -5.83
C CYS G 84 -19.62 7.03 -5.70
N GLY G 85 -19.78 8.24 -6.21
CA GLY G 85 -18.85 9.34 -5.97
C GLY G 85 -19.62 10.63 -5.91
N GLU G 86 -18.93 11.74 -6.16
CA GLU G 86 -19.54 13.07 -6.02
C GLU G 86 -20.53 13.40 -7.14
N ARG G 87 -20.33 12.78 -8.31
CA ARG G 87 -21.11 13.11 -9.51
C ARG G 87 -22.06 12.01 -9.99
N LYS G 88 -21.77 10.75 -9.66
CA LYS G 88 -22.62 9.62 -10.03
C LYS G 88 -22.74 8.64 -8.87
N CYS G 89 -23.96 8.23 -8.58
CA CYS G 89 -24.22 7.25 -7.55
C CYS G 89 -25.32 6.33 -8.04
N VAL G 90 -24.97 5.06 -8.28
CA VAL G 90 -25.91 4.07 -8.80
C VAL G 90 -26.41 3.24 -7.62
N LEU G 91 -27.72 3.25 -7.40
CA LEU G 91 -28.35 2.50 -6.33
C LEU G 91 -29.22 1.38 -6.90
N PHE G 92 -29.34 0.30 -6.15
CA PHE G 92 -30.38 -0.71 -6.39
C PHE G 92 -31.41 -0.54 -5.29
N ILE G 93 -32.66 -0.24 -5.68
CA ILE G 93 -33.74 0.04 -4.75
C ILE G 93 -34.74 -1.12 -4.77
N GLU G 94 -35.43 -1.34 -3.65
CA GLU G 94 -36.54 -2.28 -3.57
C GLU G 94 -37.85 -1.49 -3.71
N TRP G 95 -38.65 -1.83 -4.72
CA TRP G 95 -39.94 -1.19 -4.95
C TRP G 95 -41.01 -2.24 -5.18
N GLU G 96 -41.88 -2.44 -4.19
CA GLU G 96 -42.96 -3.42 -4.23
C GLU G 96 -42.41 -4.81 -4.58
N LYS G 97 -41.47 -5.27 -3.75
CA LYS G 97 -40.87 -6.61 -3.82
C LYS G 97 -39.98 -6.89 -5.05
N LYS G 98 -39.65 -5.86 -5.82
CA LYS G 98 -38.80 -5.98 -7.02
C LYS G 98 -37.60 -5.02 -6.90
N THR G 99 -36.48 -5.39 -7.51
CA THR G 99 -35.26 -4.59 -7.49
C THR G 99 -35.13 -3.77 -8.78
N TYR G 100 -34.92 -2.46 -8.63
CA TYR G 100 -34.71 -1.55 -9.76
C TYR G 100 -33.46 -0.70 -9.54
N GLN G 101 -32.86 -0.25 -10.64
CA GLN G 101 -31.67 0.60 -10.58
C GLN G 101 -32.09 2.07 -10.59
N LEU G 102 -31.56 2.83 -9.63
CA LEU G 102 -31.77 4.27 -9.51
C LEU G 102 -30.42 4.94 -9.70
N ASP G 103 -30.31 5.79 -10.71
CA ASP G 103 -29.08 6.50 -11.00
C ASP G 103 -29.19 7.97 -10.60
N LEU G 104 -28.36 8.39 -9.65
CA LEU G 104 -28.36 9.76 -9.17
C LEU G 104 -27.16 10.48 -9.71
N PHE G 105 -27.37 11.71 -10.20
CA PHE G 105 -26.32 12.56 -10.69
C PHE G 105 -26.43 13.93 -10.05
N THR G 106 -25.31 14.64 -9.93
CA THR G 106 -25.31 15.99 -9.38
C THR G 106 -24.82 17.04 -10.36
N ALA G 107 -25.47 18.19 -10.34
CA ALA G 107 -25.03 19.37 -11.06
C ALA G 107 -25.05 20.57 -10.13
N LEU G 108 -24.07 21.46 -10.30
CA LEU G 108 -24.09 22.77 -9.68
C LEU G 108 -25.09 23.64 -10.41
N ALA G 109 -25.54 24.71 -9.75
CA ALA G 109 -26.56 25.61 -10.30
C ALA G 109 -26.16 26.16 -11.67
N GLU G 110 -24.93 26.65 -11.78
CA GLU G 110 -24.41 27.19 -13.06
C GLU G 110 -24.29 26.15 -14.19
N GLU G 111 -24.20 24.88 -13.82
CA GLU G 111 -24.14 23.76 -14.78
C GLU G 111 -25.53 23.27 -15.23
N LYS G 112 -26.59 23.68 -14.53
CA LYS G 112 -27.92 23.05 -14.67
C LYS G 112 -28.46 22.80 -16.10
N PRO G 113 -28.47 23.85 -16.95
CA PRO G 113 -28.94 23.62 -18.32
C PRO G 113 -28.09 22.60 -19.11
N TYR G 114 -26.78 22.65 -18.90
CA TYR G 114 -25.84 21.75 -19.58
C TYR G 114 -26.03 20.32 -19.08
N ALA G 115 -26.21 20.17 -17.78
CA ALA G 115 -26.46 18.87 -17.15
C ALA G 115 -27.79 18.26 -17.62
N ILE G 116 -28.84 19.08 -17.64
CA ILE G 116 -30.15 18.59 -18.11
C ILE G 116 -30.06 18.13 -19.57
N PHE G 117 -29.36 18.90 -20.40
CA PHE G 117 -29.14 18.56 -21.81
C PHE G 117 -28.41 17.25 -21.98
N HIS G 118 -27.29 17.11 -21.27
CA HIS G 118 -26.50 15.86 -21.27
C HIS G 118 -27.30 14.64 -20.78
N PHE G 119 -27.87 14.76 -19.58
CA PHE G 119 -28.56 13.62 -18.96
C PHE G 119 -29.91 13.24 -19.58
N THR G 120 -30.46 14.11 -20.41
CA THR G 120 -31.67 13.78 -21.17
C THR G 120 -31.36 12.81 -22.31
N GLY G 121 -30.25 13.01 -23.00
CA GLY G 121 -29.89 12.17 -24.14
C GLY G 121 -30.90 12.32 -25.28
N PRO G 122 -31.11 11.29 -26.11
CA PRO G 122 -30.36 10.02 -26.08
C PRO G 122 -28.91 10.18 -26.51
N VAL G 123 -28.14 9.11 -26.37
CA VAL G 123 -26.70 9.16 -26.65
C VAL G 123 -26.42 9.52 -28.12
N SER G 124 -27.13 8.89 -29.04
CA SER G 124 -26.98 9.14 -30.48
C SER G 124 -27.11 10.62 -30.82
N TYR G 125 -28.11 11.27 -30.22
CA TYR G 125 -28.36 12.70 -30.38
C TYR G 125 -27.21 13.55 -29.86
N LEU G 126 -26.70 13.22 -28.67
CA LEU G 126 -25.59 13.95 -28.07
C LEU G 126 -24.32 13.83 -28.91
N ILE G 127 -24.05 12.62 -29.41
CA ILE G 127 -22.86 12.37 -30.25
C ILE G 127 -22.90 13.26 -31.50
N ARG G 128 -24.08 13.34 -32.14
CA ARG G 128 -24.28 14.17 -33.33
C ARG G 128 -24.04 15.65 -33.04
N ILE G 129 -24.70 16.16 -32.00
CA ILE G 129 -24.57 17.55 -31.55
C ILE G 129 -23.13 17.89 -31.22
N ARG G 130 -22.48 17.02 -30.45
CA ARG G 130 -21.10 17.25 -30.00
C ARG G 130 -20.08 17.17 -31.14
N ALA G 131 -20.31 16.26 -32.09
CA ALA G 131 -19.48 16.15 -33.30
C ALA G 131 -19.53 17.45 -34.11
N ALA G 132 -20.73 17.98 -34.29
CA ALA G 132 -20.91 19.24 -35.02
C ALA G 132 -20.18 20.39 -34.33
N LEU G 133 -20.32 20.49 -33.01
CA LEU G 133 -19.63 21.53 -32.24
C LEU G 133 -18.11 21.34 -32.25
N LYS G 134 -17.66 20.08 -32.23
CA LYS G 134 -16.24 19.76 -32.30
C LYS G 134 -15.58 20.23 -33.61
N LYS G 135 -16.31 20.19 -34.70
CA LYS G 135 -15.85 20.72 -36.01
C LYS G 135 -15.55 22.22 -35.98
N LYS G 136 -16.23 22.95 -35.09
CA LYS G 136 -15.99 24.38 -34.85
C LYS G 136 -15.07 24.66 -33.65
N ASN G 137 -14.25 23.70 -33.25
CA ASN G 137 -13.31 23.84 -32.12
C ASN G 137 -13.97 24.09 -30.75
N TYR G 138 -15.18 23.58 -30.57
CA TYR G 138 -15.85 23.62 -29.26
C TYR G 138 -15.87 22.23 -28.63
N LYS G 139 -16.02 22.20 -27.30
CA LYS G 139 -16.25 20.96 -26.56
C LYS G 139 -17.44 21.18 -25.63
N LEU G 140 -18.52 20.44 -25.87
CA LEU G 140 -19.71 20.47 -25.02
C LEU G 140 -19.72 19.25 -24.10
N ASN G 141 -19.98 19.48 -22.81
CA ASN G 141 -20.20 18.41 -21.85
C ASN G 141 -21.32 18.80 -20.85
N GLN G 142 -21.52 17.97 -19.84
CA GLN G 142 -22.52 18.22 -18.80
C GLN G 142 -22.26 19.43 -17.89
N TYR G 143 -21.06 20.00 -17.97
CA TYR G 143 -20.64 21.12 -17.13
C TYR G 143 -20.66 22.48 -17.82
N GLY G 144 -20.53 22.51 -19.15
CA GLY G 144 -20.46 23.77 -19.88
C GLY G 144 -20.08 23.59 -21.32
N LEU G 145 -20.01 24.73 -22.04
CA LEU G 145 -19.44 24.78 -23.39
C LEU G 145 -18.04 25.36 -23.25
N PHE G 146 -17.09 24.71 -23.94
CA PHE G 146 -15.68 25.07 -23.84
C PHE G 146 -15.08 25.31 -25.22
N LYS G 147 -14.13 26.24 -25.29
CA LYS G 147 -13.27 26.40 -26.48
C LYS G 147 -11.85 26.67 -25.98
N ASN G 148 -10.89 25.91 -26.51
CA ASN G 148 -9.50 25.95 -26.06
C ASN G 148 -9.41 25.76 -24.55
N GLN G 149 -10.10 24.72 -24.08
CA GLN G 149 -10.11 24.35 -22.66
C GLN G 149 -10.54 25.51 -21.71
N THR G 150 -11.35 26.44 -22.23
CA THR G 150 -11.81 27.61 -21.49
C THR G 150 -13.32 27.69 -21.60
N LEU G 151 -13.97 27.96 -20.47
CA LEU G 151 -15.44 28.04 -20.44
C LEU G 151 -15.93 29.21 -21.29
N VAL G 152 -16.88 28.94 -22.18
CA VAL G 152 -17.51 29.96 -22.99
C VAL G 152 -18.70 30.45 -22.17
N PRO G 153 -18.64 31.69 -21.64
CA PRO G 153 -19.71 32.14 -20.77
C PRO G 153 -20.97 32.54 -21.56
N LEU G 154 -21.91 31.60 -21.69
CA LEU G 154 -23.17 31.84 -22.39
C LEU G 154 -24.16 32.51 -21.46
N LYS G 155 -24.97 33.41 -22.02
CA LYS G 155 -25.96 34.17 -21.26
C LYS G 155 -27.30 33.46 -21.33
N ILE G 156 -27.37 32.32 -20.64
CA ILE G 156 -28.54 31.41 -20.69
C ILE G 156 -28.87 30.81 -19.32
N THR G 157 -30.14 30.46 -19.15
CA THR G 157 -30.67 29.91 -17.89
C THR G 157 -31.25 28.50 -18.07
N THR G 158 -32.08 28.32 -19.09
CA THR G 158 -32.79 27.06 -19.31
C THR G 158 -32.14 26.21 -20.38
N GLU G 159 -32.58 24.96 -20.46
CA GLU G 159 -32.11 24.02 -21.48
C GLU G 159 -32.50 24.47 -22.88
N LYS G 160 -33.73 24.96 -23.04
CA LYS G 160 -34.19 25.48 -24.34
C LYS G 160 -33.27 26.59 -24.84
N GLU G 161 -32.95 27.54 -23.96
CA GLU G 161 -32.06 28.66 -24.29
C GLU G 161 -30.66 28.19 -24.70
N LEU G 162 -30.14 27.16 -24.01
CA LEU G 162 -28.85 26.56 -24.35
C LEU G 162 -28.85 25.98 -25.76
N ILE G 163 -29.85 25.14 -26.05
CA ILE G 163 -29.95 24.43 -27.33
C ILE G 163 -29.95 25.43 -28.50
N LYS G 164 -30.80 26.45 -28.38
CA LYS G 164 -30.92 27.51 -29.40
C LYS G 164 -29.64 28.35 -29.50
N GLU G 165 -29.02 28.68 -28.36
CA GLU G 165 -27.75 29.40 -28.35
C GLU G 165 -26.61 28.61 -29.00
N LEU G 166 -26.63 27.28 -28.87
CA LEU G 166 -25.64 26.41 -29.53
C LEU G 166 -25.82 26.33 -31.05
N GLY G 167 -26.99 26.73 -31.55
CA GLY G 167 -27.30 26.77 -32.98
C GLY G 167 -28.09 25.57 -33.48
N PHE G 168 -28.84 24.91 -32.60
CA PHE G 168 -29.60 23.71 -32.96
C PHE G 168 -31.09 23.93 -32.77
N THR G 169 -31.89 23.11 -33.45
CA THR G 169 -33.34 23.17 -33.39
C THR G 169 -33.82 22.62 -32.06
N TYR G 170 -34.63 23.39 -31.33
CA TYR G 170 -35.22 22.88 -30.10
C TYR G 170 -36.22 21.77 -30.42
N ARG G 171 -36.06 20.62 -29.79
CA ARG G 171 -37.04 19.54 -29.81
C ARG G 171 -37.35 19.18 -28.37
N ILE G 172 -38.59 18.79 -28.11
CA ILE G 172 -38.97 18.23 -26.81
C ILE G 172 -38.21 16.91 -26.60
N PRO G 173 -37.96 16.51 -25.33
CA PRO G 173 -37.16 15.31 -25.02
C PRO G 173 -37.51 14.06 -25.82
N LYS G 174 -38.79 13.74 -25.95
CA LYS G 174 -39.22 12.52 -26.65
C LYS G 174 -38.97 12.53 -28.17
N LYS G 175 -38.76 13.70 -28.77
CA LYS G 175 -38.46 13.83 -30.20
C LYS G 175 -36.97 14.04 -30.53
N ARG G 176 -36.07 13.83 -29.56
CA ARG G 176 -34.63 13.97 -29.80
C ARG G 176 -33.98 12.68 -30.27
N LEU G 177 -33.17 12.76 -31.33
CA LEU G 177 -32.53 11.58 -31.91
C LEU G 177 -31.27 11.91 -32.71
N GLY H 1 -18.90 -5.14 0.71
CA GLY H 1 -19.26 -6.52 0.26
C GLY H 1 -18.40 -7.65 0.81
N GLY H 2 -17.13 -7.75 0.37
CA GLY H 2 -16.24 -8.85 0.78
C GLY H 2 -15.50 -8.53 2.06
N GLY H 3 -15.17 -9.56 2.84
CA GLY H 3 -14.32 -9.43 4.02
C GLY H 3 -12.86 -9.51 3.66
N MET H 4 -11.99 -9.13 4.58
CA MET H 4 -10.54 -9.24 4.36
C MET H 4 -10.04 -10.65 4.66
N LEU H 5 -8.97 -11.04 3.97
CA LEU H 5 -8.39 -12.38 4.09
C LEU H 5 -6.94 -12.29 4.49
N THR H 6 -6.45 -13.34 5.15
CA THR H 6 -5.02 -13.54 5.34
C THR H 6 -4.42 -14.05 4.03
N LEU H 7 -3.10 -13.95 3.91
CA LEU H 7 -2.38 -14.44 2.73
C LEU H 7 -2.63 -15.94 2.54
N ILE H 8 -2.48 -16.72 3.61
CA ILE H 8 -2.72 -18.17 3.57
C ILE H 8 -4.16 -18.53 3.17
N GLN H 9 -5.15 -17.76 3.65
CA GLN H 9 -6.54 -17.95 3.23
C GLN H 9 -6.68 -17.76 1.72
N GLY H 10 -6.10 -16.69 1.20
CA GLY H 10 -6.08 -16.41 -0.23
C GLY H 10 -5.47 -17.55 -1.03
N LYS H 11 -4.29 -18.00 -0.59
CA LYS H 11 -3.59 -19.12 -1.23
C LYS H 11 -4.43 -20.41 -1.25
N LYS H 12 -5.13 -20.69 -0.14
CA LYS H 12 -6.03 -21.85 -0.06
C LYS H 12 -7.21 -21.75 -1.02
N ILE H 13 -7.78 -20.54 -1.14
CA ILE H 13 -8.85 -20.28 -2.11
C ILE H 13 -8.37 -20.50 -3.54
N VAL H 14 -7.19 -19.98 -3.88
CA VAL H 14 -6.63 -20.13 -5.23
C VAL H 14 -6.35 -21.60 -5.55
N ASN H 15 -5.74 -22.31 -4.60
CA ASN H 15 -5.49 -23.75 -4.72
C ASN H 15 -6.78 -24.51 -5.07
N HIS H 16 -7.83 -24.21 -4.32
CA HIS H 16 -9.16 -24.80 -4.53
C HIS H 16 -9.68 -24.49 -5.94
N LEU H 17 -9.63 -23.21 -6.32
CA LEU H 17 -10.16 -22.75 -7.60
C LEU H 17 -9.43 -23.31 -8.83
N ARG H 18 -8.14 -23.64 -8.69
CA ARG H 18 -7.31 -24.08 -9.83
C ARG H 18 -7.83 -25.27 -10.63
N SER H 19 -8.53 -26.17 -9.96
CA SER H 19 -9.11 -27.36 -10.60
C SER H 19 -10.60 -27.23 -10.89
N ARG H 20 -11.22 -26.10 -10.52
CA ARG H 20 -12.67 -25.96 -10.53
C ARG H 20 -13.22 -24.82 -11.39
N LEU H 21 -12.37 -24.13 -12.14
CA LEU H 21 -12.83 -23.05 -13.02
C LEU H 21 -13.16 -23.61 -14.39
N ALA H 22 -14.27 -23.13 -14.95
CA ALA H 22 -14.71 -23.51 -16.28
C ALA H 22 -15.57 -22.39 -16.84
N PHE H 23 -15.95 -22.50 -18.11
CA PHE H 23 -16.92 -21.58 -18.70
C PHE H 23 -17.84 -22.32 -19.66
N GLU H 24 -19.04 -21.77 -19.87
CA GLU H 24 -20.01 -22.35 -20.77
C GLU H 24 -19.93 -21.66 -22.12
N TYR H 25 -19.67 -22.46 -23.16
CA TYR H 25 -19.47 -21.97 -24.53
C TYR H 25 -20.59 -22.59 -25.37
N ASN H 26 -21.63 -21.79 -25.65
CA ASN H 26 -22.78 -22.25 -26.42
C ASN H 26 -23.30 -23.61 -25.92
N GLY H 27 -23.57 -23.67 -24.61
CA GLY H 27 -24.10 -24.88 -23.97
C GLY H 27 -23.11 -25.96 -23.54
N GLN H 28 -21.83 -25.79 -23.90
CA GLN H 28 -20.78 -26.77 -23.61
C GLN H 28 -19.90 -26.25 -22.48
N LEU H 29 -19.69 -27.08 -21.46
CA LEU H 29 -18.81 -26.72 -20.35
C LEU H 29 -17.34 -27.00 -20.68
N ILE H 30 -16.55 -25.93 -20.79
CA ILE H 30 -15.13 -26.01 -21.14
C ILE H 30 -14.32 -25.69 -19.89
N LYS H 31 -13.54 -26.65 -19.42
CA LYS H 31 -12.69 -26.46 -18.25
C LYS H 31 -11.54 -25.48 -18.56
N ILE H 32 -11.21 -24.65 -17.59
CA ILE H 32 -10.05 -23.77 -17.67
C ILE H 32 -8.87 -24.48 -17.00
N LEU H 33 -7.75 -24.56 -17.70
CA LEU H 33 -6.60 -25.34 -17.21
C LEU H 33 -5.83 -24.54 -16.17
N SER H 34 -5.28 -25.25 -15.18
CA SER H 34 -4.51 -24.64 -14.10
C SER H 34 -3.30 -23.82 -14.61
N LYS H 35 -2.65 -24.31 -15.66
CA LYS H 35 -1.54 -23.57 -16.31
C LYS H 35 -1.96 -22.20 -16.90
N ASN H 36 -3.26 -22.05 -17.18
CA ASN H 36 -3.81 -20.78 -17.66
C ASN H 36 -4.44 -19.91 -16.57
N ILE H 37 -4.21 -20.24 -15.29
CA ILE H 37 -4.69 -19.45 -14.16
C ILE H 37 -3.47 -18.92 -13.40
N VAL H 38 -3.33 -17.60 -13.35
CA VAL H 38 -2.18 -16.96 -12.71
C VAL H 38 -2.64 -16.07 -11.55
N ALA H 39 -2.13 -16.35 -10.36
CA ALA H 39 -2.38 -15.50 -9.20
C ALA H 39 -1.70 -14.15 -9.44
N VAL H 40 -2.46 -13.07 -9.27
CA VAL H 40 -1.93 -11.71 -9.48
C VAL H 40 -2.35 -10.83 -8.29
N GLY H 41 -2.20 -9.52 -8.41
CA GLY H 41 -2.61 -8.61 -7.37
C GLY H 41 -1.78 -8.68 -6.11
N SER H 42 -2.38 -8.29 -4.99
CA SER H 42 -1.70 -8.27 -3.70
C SER H 42 -1.33 -9.68 -3.17
N LEU H 43 -2.07 -10.70 -3.61
CA LEU H 43 -1.73 -12.10 -3.35
C LEU H 43 -0.37 -12.46 -3.94
N ARG H 44 -0.13 -12.13 -5.21
CA ARG H 44 1.19 -12.37 -5.84
C ARG H 44 2.31 -11.53 -5.19
N ARG H 45 1.96 -10.34 -4.71
CA ARG H 45 2.91 -9.50 -3.97
C ARG H 45 3.13 -9.93 -2.51
N GLU H 46 2.46 -11.00 -2.08
CA GLU H 46 2.68 -11.63 -0.77
C GLU H 46 2.40 -10.67 0.39
N GLU H 47 1.35 -9.86 0.24
CA GLU H 47 0.91 -8.99 1.32
C GLU H 47 0.17 -9.82 2.37
N LYS H 48 0.32 -9.42 3.62
CA LYS H 48 -0.13 -10.22 4.77
C LYS H 48 -1.64 -10.32 4.87
N MET H 49 -2.36 -9.25 4.56
CA MET H 49 -3.81 -9.30 4.57
C MET H 49 -4.32 -8.90 3.22
N LEU H 50 -5.37 -9.57 2.77
CA LEU H 50 -5.89 -9.31 1.46
C LEU H 50 -7.33 -8.81 1.47
N ASN H 51 -7.56 -7.86 0.63
CA ASN H 51 -8.85 -7.28 0.48
C ASN H 51 -9.60 -8.29 -0.32
N ASP H 52 -8.85 -8.97 -1.16
CA ASP H 52 -9.46 -9.99 -2.00
C ASP H 52 -8.46 -10.88 -2.69
N VAL H 53 -9.00 -11.65 -3.63
CA VAL H 53 -8.25 -12.59 -4.44
C VAL H 53 -8.31 -12.28 -5.94
N ASP H 54 -7.16 -12.06 -6.57
CA ASP H 54 -7.05 -11.71 -8.00
C ASP H 54 -6.46 -12.85 -8.81
N LEU H 55 -7.21 -13.29 -9.83
CA LEU H 55 -6.75 -14.32 -10.75
C LEU H 55 -6.76 -13.75 -12.17
N LEU H 56 -5.70 -14.04 -12.92
CA LEU H 56 -5.60 -13.75 -14.34
C LEU H 56 -5.78 -15.05 -15.10
N ILE H 57 -6.74 -15.08 -16.02
CA ILE H 57 -7.04 -16.24 -16.86
C ILE H 57 -6.48 -15.98 -18.26
N ILE H 58 -5.66 -16.91 -18.75
CA ILE H 58 -5.09 -16.81 -20.09
C ILE H 58 -6.03 -17.52 -21.05
N VAL H 59 -6.54 -16.77 -22.02
CA VAL H 59 -7.52 -17.26 -22.97
C VAL H 59 -6.80 -17.51 -24.30
N PRO H 60 -6.88 -18.74 -24.85
CA PRO H 60 -6.06 -19.10 -26.01
C PRO H 60 -6.51 -18.51 -27.36
N GLU H 61 -7.78 -18.13 -27.47
CA GLU H 61 -8.35 -17.63 -28.73
C GLU H 61 -9.15 -16.36 -28.48
N LYS H 62 -8.96 -15.36 -29.34
CA LYS H 62 -9.66 -14.08 -29.23
C LYS H 62 -11.19 -14.23 -29.23
N LYS H 63 -11.69 -15.16 -30.05
CA LYS H 63 -13.15 -15.41 -30.15
C LYS H 63 -13.79 -15.90 -28.84
N LEU H 64 -12.99 -16.51 -27.97
CA LEU H 64 -13.49 -16.99 -26.68
C LEU H 64 -13.74 -15.89 -25.63
N LEU H 65 -13.16 -14.69 -25.81
CA LEU H 65 -13.29 -13.62 -24.80
C LEU H 65 -14.73 -13.23 -24.48
N LYS H 66 -15.61 -13.26 -25.48
CA LYS H 66 -17.03 -13.00 -25.23
C LYS H 66 -17.72 -14.06 -24.37
N HIS H 67 -17.12 -15.25 -24.26
CA HIS H 67 -17.73 -16.38 -23.56
C HIS H 67 -17.17 -16.66 -22.16
N VAL H 68 -15.88 -16.41 -21.92
CA VAL H 68 -15.22 -16.94 -20.72
C VAL H 68 -15.78 -16.34 -19.41
N LEU H 69 -15.50 -15.08 -19.16
CA LEU H 69 -15.95 -14.46 -17.90
C LEU H 69 -17.47 -14.27 -17.82
N PRO H 70 -18.14 -13.86 -18.92
CA PRO H 70 -19.58 -13.76 -18.86
C PRO H 70 -20.31 -15.08 -18.54
N ASN H 71 -19.73 -16.22 -18.94
CA ASN H 71 -20.31 -17.54 -18.60
C ASN H 71 -19.46 -18.35 -17.63
N ILE H 72 -18.77 -17.67 -16.73
CA ILE H 72 -17.86 -18.34 -15.78
C ILE H 72 -18.61 -19.30 -14.85
N ARG H 73 -17.99 -20.45 -14.59
CA ARG H 73 -18.55 -21.47 -13.71
C ARG H 73 -17.47 -21.84 -12.70
N ILE H 74 -17.90 -22.13 -11.47
CA ILE H 74 -17.00 -22.60 -10.43
C ILE H 74 -17.65 -23.80 -9.76
N LYS H 75 -17.01 -24.96 -9.87
CA LYS H 75 -17.59 -26.21 -9.36
C LYS H 75 -17.69 -26.20 -7.84
N GLY H 76 -18.90 -26.40 -7.33
CA GLY H 76 -19.12 -26.57 -5.91
C GLY H 76 -19.12 -25.32 -5.04
N LEU H 77 -18.77 -24.15 -5.60
CA LEU H 77 -18.66 -22.92 -4.81
C LEU H 77 -19.88 -22.05 -5.01
N SER H 78 -20.36 -21.46 -3.93
CA SER H 78 -21.42 -20.47 -3.96
C SER H 78 -20.84 -19.11 -4.31
N PHE H 79 -21.36 -18.49 -5.38
CA PHE H 79 -20.95 -17.12 -5.73
C PHE H 79 -22.07 -16.33 -6.41
N SER H 80 -21.88 -15.01 -6.44
CA SER H 80 -22.72 -14.11 -7.23
C SER H 80 -21.85 -13.10 -7.95
N VAL H 81 -22.39 -12.53 -9.03
CA VAL H 81 -21.65 -11.64 -9.93
C VAL H 81 -22.00 -10.18 -9.64
N LYS H 82 -21.01 -9.38 -9.28
CA LYS H 82 -21.19 -7.96 -9.00
C LYS H 82 -21.16 -7.14 -10.28
N VAL H 83 -20.04 -7.22 -11.00
CA VAL H 83 -19.87 -6.56 -12.30
C VAL H 83 -19.03 -7.50 -13.20
N CYS H 84 -19.40 -7.65 -14.48
CA CYS H 84 -18.78 -8.64 -15.36
C CYS H 84 -18.83 -8.29 -16.83
N GLY H 85 -17.66 -8.34 -17.47
CA GLY H 85 -17.55 -8.22 -18.93
C GLY H 85 -16.49 -9.18 -19.41
N GLU H 86 -15.95 -8.94 -20.59
CA GLU H 86 -14.99 -9.85 -21.22
C GLU H 86 -13.61 -9.82 -20.55
N ARG H 87 -13.26 -8.69 -19.94
CA ARG H 87 -11.93 -8.46 -19.38
C ARG H 87 -11.86 -8.38 -17.85
N LYS H 88 -12.98 -8.05 -17.19
CA LYS H 88 -13.03 -8.02 -15.73
C LYS H 88 -14.36 -8.59 -15.26
N CYS H 89 -14.30 -9.45 -14.24
CA CYS H 89 -15.48 -10.02 -13.62
C CYS H 89 -15.23 -10.10 -12.12
N VAL H 90 -16.01 -9.35 -11.35
CA VAL H 90 -15.88 -9.32 -9.90
C VAL H 90 -16.97 -10.22 -9.34
N LEU H 91 -16.56 -11.21 -8.54
CA LEU H 91 -17.47 -12.14 -7.88
C LEU H 91 -17.40 -11.99 -6.37
N PHE H 92 -18.53 -12.25 -5.69
CA PHE H 92 -18.54 -12.46 -4.25
C PHE H 92 -18.72 -13.96 -4.03
N ILE H 93 -17.75 -14.58 -3.35
CA ILE H 93 -17.75 -16.03 -3.13
C ILE H 93 -17.97 -16.35 -1.65
N GLU H 94 -18.60 -17.48 -1.37
CA GLU H 94 -18.78 -17.99 -0.01
C GLU H 94 -17.69 -19.01 0.32
N TRP H 95 -16.82 -18.71 1.28
CA TRP H 95 -15.73 -19.59 1.70
C TRP H 95 -15.79 -19.80 3.20
N GLU H 96 -16.18 -21.01 3.62
CA GLU H 96 -16.29 -21.39 5.03
C GLU H 96 -17.17 -20.42 5.82
N LYS H 97 -18.37 -20.19 5.31
CA LYS H 97 -19.40 -19.34 5.94
C LYS H 97 -19.09 -17.83 5.95
N LYS H 98 -18.10 -17.38 5.16
CA LYS H 98 -17.74 -15.96 5.04
C LYS H 98 -17.77 -15.55 3.57
N THR H 99 -18.05 -14.28 3.30
CA THR H 99 -18.10 -13.75 1.94
C THR H 99 -16.78 -13.02 1.63
N TYR H 100 -16.17 -13.37 0.48
CA TYR H 100 -14.96 -12.72 -0.01
C TYR H 100 -15.10 -12.34 -1.48
N GLN H 101 -14.36 -11.30 -1.89
CA GLN H 101 -14.37 -10.82 -3.27
C GLN H 101 -13.30 -11.57 -4.08
N LEU H 102 -13.70 -12.07 -5.24
CA LEU H 102 -12.81 -12.72 -6.20
C LEU H 102 -12.84 -11.93 -7.49
N ASP H 103 -11.69 -11.38 -7.89
CA ASP H 103 -11.59 -10.61 -9.12
C ASP H 103 -10.91 -11.42 -10.23
N LEU H 104 -11.64 -11.64 -11.32
CA LEU H 104 -11.13 -12.40 -12.45
C LEU H 104 -10.81 -11.41 -13.57
N PHE H 105 -9.68 -11.63 -14.24
CA PHE H 105 -9.28 -10.87 -15.41
C PHE H 105 -8.84 -11.82 -16.50
N THR H 106 -8.97 -11.41 -17.77
CA THR H 106 -8.51 -12.21 -18.90
C THR H 106 -7.41 -11.53 -19.70
N ALA H 107 -6.47 -12.35 -20.18
CA ALA H 107 -5.45 -11.94 -21.14
C ALA H 107 -5.37 -12.97 -22.25
N LEU H 108 -5.10 -12.50 -23.46
CA LEU H 108 -4.74 -13.37 -24.57
C LEU H 108 -3.29 -13.80 -24.43
N ALA H 109 -2.94 -14.92 -25.07
CA ALA H 109 -1.59 -15.51 -24.94
C ALA H 109 -0.47 -14.53 -25.28
N GLU H 110 -0.63 -13.78 -26.35
CA GLU H 110 0.34 -12.76 -26.76
C GLU H 110 0.45 -11.56 -25.80
N GLU H 111 -0.59 -11.33 -24.99
CA GLU H 111 -0.59 -10.27 -23.97
C GLU H 111 -0.02 -10.70 -22.62
N LYS H 112 0.18 -12.01 -22.41
CA LYS H 112 0.42 -12.58 -21.08
C LYS H 112 1.46 -11.82 -20.22
N PRO H 113 2.70 -11.65 -20.72
CA PRO H 113 3.70 -10.96 -19.88
C PRO H 113 3.31 -9.53 -19.48
N TYR H 114 2.65 -8.83 -20.41
CA TYR H 114 2.19 -7.46 -20.18
C TYR H 114 1.05 -7.44 -19.15
N ALA H 115 0.14 -8.42 -19.26
CA ALA H 115 -0.97 -8.57 -18.32
C ALA H 115 -0.47 -8.90 -16.91
N ILE H 116 0.45 -9.86 -16.81
CA ILE H 116 1.02 -10.24 -15.51
C ILE H 116 1.66 -9.01 -14.85
N PHE H 117 2.45 -8.27 -15.63
CA PHE H 117 3.13 -7.05 -15.16
C PHE H 117 2.14 -6.02 -14.63
N HIS H 118 1.11 -5.73 -15.43
CA HIS H 118 0.03 -4.81 -15.04
C HIS H 118 -0.70 -5.27 -13.78
N PHE H 119 -1.23 -6.50 -13.79
CA PHE H 119 -2.08 -6.99 -12.69
C PHE H 119 -1.33 -7.30 -11.40
N THR H 120 -0.01 -7.43 -11.44
CA THR H 120 0.79 -7.60 -10.23
C THR H 120 0.82 -6.30 -9.43
N GLY H 121 1.00 -5.17 -10.10
CA GLY H 121 1.12 -3.88 -9.42
C GLY H 121 2.40 -3.80 -8.61
N PRO H 122 2.41 -3.07 -7.49
CA PRO H 122 1.32 -2.18 -7.06
C PRO H 122 1.14 -0.99 -8.00
N VAL H 123 0.09 -0.22 -7.76
CA VAL H 123 -0.27 0.91 -8.64
C VAL H 123 0.84 1.97 -8.69
N SER H 124 1.38 2.33 -7.53
CA SER H 124 2.46 3.33 -7.43
C SER H 124 3.68 2.97 -8.31
N TYR H 125 4.03 1.70 -8.32
CA TYR H 125 5.11 1.17 -9.14
C TYR H 125 4.81 1.29 -10.65
N LEU H 126 3.60 0.92 -11.04
CA LEU H 126 3.17 1.01 -12.44
C LEU H 126 3.20 2.46 -12.93
N ILE H 127 2.67 3.37 -12.11
CA ILE H 127 2.62 4.80 -12.46
C ILE H 127 4.04 5.33 -12.74
N ARG H 128 4.99 4.96 -11.88
CA ARG H 128 6.39 5.36 -12.04
C ARG H 128 7.04 4.82 -13.32
N ILE H 129 6.87 3.51 -13.55
CA ILE H 129 7.35 2.84 -14.76
C ILE H 129 6.75 3.45 -16.03
N ARG H 130 5.43 3.65 -16.01
CA ARG H 130 4.72 4.18 -17.16
C ARG H 130 5.10 5.63 -17.45
N ALA H 131 5.24 6.43 -16.40
CA ALA H 131 5.66 7.83 -16.52
C ALA H 131 7.03 7.93 -17.20
N ALA H 132 7.95 7.08 -16.77
CA ALA H 132 9.30 7.03 -17.36
C ALA H 132 9.27 6.64 -18.84
N LEU H 133 8.46 5.65 -19.19
CA LEU H 133 8.29 5.25 -20.59
C LEU H 133 7.61 6.35 -21.40
N LYS H 134 6.62 7.03 -20.81
CA LYS H 134 5.91 8.13 -21.47
C LYS H 134 6.85 9.28 -21.88
N LYS H 135 7.87 9.55 -21.07
CA LYS H 135 8.90 10.56 -21.39
C LYS H 135 9.70 10.22 -22.66
N LYS H 136 9.78 8.93 -22.99
CA LYS H 136 10.41 8.46 -24.23
C LYS H 136 9.42 8.20 -25.38
N ASN H 137 8.21 8.76 -25.31
CA ASN H 137 7.15 8.59 -26.32
C ASN H 137 6.64 7.13 -26.46
N TYR H 138 6.64 6.38 -25.36
CA TYR H 138 6.02 5.05 -25.31
C TYR H 138 4.75 5.05 -24.46
N LYS H 139 3.87 4.08 -24.71
CA LYS H 139 2.70 3.83 -23.86
C LYS H 139 2.71 2.34 -23.53
N LEU H 140 2.79 2.03 -22.23
CA LEU H 140 2.70 0.66 -21.74
C LEU H 140 1.33 0.44 -21.09
N ASN H 141 0.71 -0.69 -21.42
CA ASN H 141 -0.53 -1.14 -20.78
C ASN H 141 -0.54 -2.66 -20.62
N GLN H 142 -1.66 -3.22 -20.14
CA GLN H 142 -1.82 -4.66 -19.96
C GLN H 142 -1.80 -5.51 -21.24
N TYR H 143 -1.90 -4.86 -22.39
CA TYR H 143 -1.96 -5.52 -23.71
C TYR H 143 -0.62 -5.52 -24.47
N GLY H 144 0.23 -4.52 -24.23
CA GLY H 144 1.48 -4.39 -24.99
C GLY H 144 2.22 -3.09 -24.75
N LEU H 145 3.38 -2.95 -25.39
CA LEU H 145 4.10 -1.69 -25.45
C LEU H 145 3.84 -1.03 -26.79
N PHE H 146 3.52 0.27 -26.76
CA PHE H 146 3.13 1.02 -27.94
C PHE H 146 4.00 2.27 -28.12
N LYS H 147 4.21 2.64 -29.37
CA LYS H 147 4.78 3.94 -29.74
C LYS H 147 4.09 4.48 -30.98
N ASN H 148 3.57 5.70 -30.89
CA ASN H 148 2.75 6.33 -31.92
C ASN H 148 1.52 5.47 -32.25
N GLN H 149 0.86 4.97 -31.20
CA GLN H 149 -0.33 4.12 -31.30
C GLN H 149 -0.10 2.85 -32.14
N THR H 150 1.13 2.33 -32.13
CA THR H 150 1.51 1.13 -32.90
C THR H 150 2.29 0.18 -32.00
N LEU H 151 1.90 -1.09 -32.02
CA LEU H 151 2.50 -2.10 -31.17
C LEU H 151 3.99 -2.22 -31.46
N VAL H 152 4.81 -2.18 -30.41
CA VAL H 152 6.26 -2.38 -30.52
C VAL H 152 6.54 -3.87 -30.33
N PRO H 153 6.83 -4.61 -31.42
CA PRO H 153 6.93 -6.06 -31.28
C PRO H 153 8.21 -6.46 -30.54
N LEU H 154 8.09 -6.71 -29.24
CA LEU H 154 9.21 -7.14 -28.42
C LEU H 154 9.38 -8.65 -28.52
N LYS H 155 10.63 -9.10 -28.50
CA LYS H 155 10.96 -10.53 -28.62
C LYS H 155 11.10 -11.13 -27.22
N ILE H 156 9.96 -11.26 -26.54
CA ILE H 156 9.92 -11.70 -25.13
C ILE H 156 8.76 -12.66 -24.88
N THR H 157 8.92 -13.47 -23.84
CA THR H 157 7.93 -14.48 -23.44
C THR H 157 7.43 -14.26 -22.01
N THR H 158 8.34 -14.07 -21.06
CA THR H 158 8.01 -13.97 -19.65
C THR H 158 7.97 -12.53 -19.17
N GLU H 159 7.44 -12.35 -17.96
CA GLU H 159 7.40 -11.05 -17.30
C GLU H 159 8.79 -10.50 -17.01
N LYS H 160 9.70 -11.36 -16.54
CA LYS H 160 11.10 -10.98 -16.26
C LYS H 160 11.74 -10.40 -17.52
N GLU H 161 11.58 -11.09 -18.65
CA GLU H 161 12.11 -10.66 -19.95
C GLU H 161 11.55 -9.30 -20.37
N LEU H 162 10.25 -9.09 -20.16
CA LEU H 162 9.61 -7.81 -20.46
C LEU H 162 10.25 -6.67 -19.65
N ILE H 163 10.31 -6.85 -18.33
CA ILE H 163 10.80 -5.81 -17.42
C ILE H 163 12.22 -5.36 -17.81
N LYS H 164 13.08 -6.33 -18.05
CA LYS H 164 14.47 -6.07 -18.48
C LYS H 164 14.56 -5.45 -19.88
N GLU H 165 13.72 -5.91 -20.80
CA GLU H 165 13.64 -5.32 -22.14
C GLU H 165 13.16 -3.86 -22.12
N LEU H 166 12.25 -3.53 -21.19
CA LEU H 166 11.78 -2.14 -21.01
C LEU H 166 12.83 -1.20 -20.41
N GLY H 167 13.91 -1.77 -19.84
CA GLY H 167 15.03 -1.00 -19.29
C GLY H 167 14.97 -0.79 -17.80
N PHE H 168 14.26 -1.66 -17.08
CA PHE H 168 14.10 -1.54 -15.63
C PHE H 168 14.74 -2.71 -14.90
N THR H 169 15.00 -2.50 -13.62
CA THR H 169 15.58 -3.52 -12.75
C THR H 169 14.52 -4.56 -12.39
N TYR H 170 14.80 -5.84 -12.63
CA TYR H 170 13.88 -6.89 -12.20
C TYR H 170 13.83 -6.95 -10.67
N ARG H 171 12.63 -6.86 -10.12
CA ARG H 171 12.38 -7.12 -8.72
C ARG H 171 11.30 -8.17 -8.61
N ILE H 172 11.41 -9.05 -7.61
CA ILE H 172 10.33 -9.99 -7.31
C ILE H 172 9.08 -9.22 -6.86
N PRO H 173 7.87 -9.77 -7.10
CA PRO H 173 6.61 -9.06 -6.83
C PRO H 173 6.52 -8.33 -5.49
N LYS H 174 6.97 -8.97 -4.40
CA LYS H 174 6.87 -8.38 -3.06
C LYS H 174 7.80 -7.17 -2.83
N LYS H 175 8.84 -7.01 -3.66
CA LYS H 175 9.77 -5.88 -3.56
C LYS H 175 9.50 -4.73 -4.55
N ARG H 176 8.36 -4.77 -5.25
CA ARG H 176 8.02 -3.71 -6.22
C ARG H 176 7.29 -2.55 -5.58
N LEU H 177 7.72 -1.33 -5.86
CA LEU H 177 7.13 -0.13 -5.28
C LEU H 177 7.28 1.11 -6.15
#